data_1VM8
#
_entry.id   1VM8
#
_cell.length_a   80.094
_cell.length_b   73.402
_cell.length_c   107.132
_cell.angle_alpha   90.00
_cell.angle_beta   99.83
_cell.angle_gamma   90.00
#
_symmetry.space_group_name_H-M   'P 1 21 1'
#
loop_
_entity.id
_entity.type
_entity.pdbx_description
1 polymer 'UDP-N-acetylglucosamine pyrophosphorylase'
2 non-polymer 'CHLORIDE ION'
3 non-polymer 1,2-ETHANEDIOL
4 water water
#
_entity_poly.entity_id   1
_entity_poly.type   'polypeptide(L)'
_entity_poly.pdbx_seq_one_letter_code
;(MSE)GSDKIHHHHHH(MSE)NVNDLKQRLSQAGQEHLLQFWNELSEAQQ(MSE)ELY(MSE)ELQA(MSE)NFEELNSF
FRKAIGEFDRSSHQEKVDAR(MSE)EPVPRQVLGSATRDQEQLQAWESEGLSQISQNKVAVLLLAGGQGTRLGVSYPKG
(MSE)YDVGLPSHKTLFQIQAERILKLQQLAEKHHGNKCTIPWYI(MSE)TSGRT(MSE)ESTKEFFTKHKFFGLKKENV
VFFQQG(MSE)LPA(MSE)SFDGKIILEEKNKVS(MSE)APDGNGGLYRALAAQNIVED(MSE)EQRGICSIHVYCVDNI
LVKVADPRFIGFCIQKGADCGAKVVEKTNPTEPVGVVCRVDGVYQVVEYSEISLATAQRRSSDGRLLFNAGNIANHFFTV
PFLKDVVNVYEPQLQHHVAQKKIPYVDSQGYFIKPDKPNGIK(MSE)EKFVFDIFQFAKKFVVYEVLREDEFSPLKNADS
QNGKDNPTTARHAL(MSE)SLHHCWVLNAGGHFIDENGSRLPAIPRSATNGKSEAITADVNHNLKDANDVPIQCEISPLI
SYAGEGLEGYVADKEFHAPLIIDENGVHELVKNGI
;
_entity_poly.pdbx_strand_id   A,B
#
# COMPACT_ATOMS: atom_id res chain seq x y z
N ASN A 14 39.63 27.41 35.82
CA ASN A 14 38.48 26.74 35.17
C ASN A 14 38.90 25.71 34.10
N VAL A 15 39.98 26.01 33.37
CA VAL A 15 40.52 25.12 32.34
C VAL A 15 41.28 23.96 32.92
N ASN A 16 41.72 24.11 34.15
CA ASN A 16 42.50 23.09 34.82
C ASN A 16 41.57 22.08 35.48
N ASP A 17 40.40 22.54 35.91
CA ASP A 17 39.37 21.68 36.49
C ASP A 17 39.04 20.53 35.56
N LEU A 18 38.82 20.85 34.28
CA LEU A 18 38.53 19.84 33.26
C LEU A 18 39.59 18.75 33.13
N LYS A 19 40.86 19.14 33.03
CA LYS A 19 41.96 18.15 33.03
C LYS A 19 41.69 17.08 34.09
N GLN A 20 41.48 17.53 35.33
CA GLN A 20 41.19 16.64 36.45
C GLN A 20 39.82 16.00 36.31
N ARG A 21 38.83 16.77 35.89
CA ARG A 21 37.47 16.24 35.68
C ARG A 21 37.50 15.12 34.62
N LEU A 22 38.26 15.32 33.54
CA LEU A 22 38.38 14.34 32.45
C LEU A 22 39.32 13.19 32.78
N SER A 23 40.31 13.51 33.60
CA SER A 23 41.16 12.49 34.22
C SER A 23 40.28 11.52 35.03
N GLN A 24 39.48 12.08 35.97
CA GLN A 24 38.64 11.30 36.90
C GLN A 24 37.47 10.63 36.21
N ALA A 25 37.55 10.49 34.90
CA ALA A 25 36.59 9.73 34.14
C ALA A 25 37.25 8.97 32.99
N GLY A 26 38.57 9.05 32.90
CA GLY A 26 39.29 8.42 31.80
C GLY A 26 38.87 8.96 30.45
N GLN A 27 38.69 10.27 30.35
CA GLN A 27 38.30 10.90 29.08
C GLN A 27 39.32 11.99 28.69
N GLU A 28 40.50 11.95 29.30
CA GLU A 28 41.55 12.92 29.03
C GLU A 28 41.81 13.17 27.53
N HIS A 29 41.57 12.15 26.70
CA HIS A 29 41.79 12.25 25.24
C HIS A 29 40.92 13.27 24.49
N LEU A 30 39.89 13.82 25.13
CA LEU A 30 39.08 14.89 24.53
C LEU A 30 39.83 16.22 24.43
N LEU A 31 40.97 16.33 25.13
CA LEU A 31 41.90 17.44 24.96
C LEU A 31 43.13 17.03 24.13
N GLN A 32 43.10 15.81 23.61
CA GLN A 32 44.06 15.31 22.61
C GLN A 32 44.69 16.36 21.69
N PHE A 33 43.90 17.25 21.10
CA PHE A 33 44.41 18.23 20.13
C PHE A 33 44.58 19.63 20.71
N TRP A 34 44.34 19.78 22.00
CA TRP A 34 44.29 21.10 22.62
C TRP A 34 45.41 22.02 22.17
N ASN A 35 46.65 21.55 22.21
CA ASN A 35 47.79 22.42 21.91
C ASN A 35 47.86 22.89 20.45
N GLU A 36 47.06 22.31 19.57
CA GLU A 36 47.04 22.67 18.16
C GLU A 36 45.99 23.70 17.81
N LEU A 37 45.06 23.94 18.71
CA LEU A 37 43.86 24.69 18.35
C LEU A 37 44.06 26.20 18.46
N SER A 38 43.48 26.93 17.50
CA SER A 38 43.15 28.34 17.68
C SER A 38 42.51 28.43 19.02
N GLU A 39 42.82 29.47 19.78
CA GLU A 39 42.19 29.56 21.08
C GLU A 39 40.72 30.01 20.97
N ALA A 40 40.25 30.30 19.75
CA ALA A 40 38.80 30.38 19.48
C ALA A 40 38.19 28.99 19.42
N GLN A 41 38.94 28.07 18.82
CA GLN A 41 38.59 26.64 18.84
C GLN A 41 38.71 26.04 20.23
N GLN A 42 39.52 26.64 21.09
CA GLN A 42 39.64 26.19 22.48
C GLN A 42 38.43 26.62 23.30
N GLU A 44 35.56 27.11 22.19
CA GLU A 44 34.49 26.28 21.62
C GLU A 44 34.40 24.89 22.25
N LEU A 45 35.55 24.21 22.33
CA LEU A 45 35.59 22.89 22.89
C LEU A 45 35.39 22.94 24.39
N TYR A 46 36.08 23.85 25.06
CA TYR A 46 35.90 24.01 26.49
C TYR A 46 34.44 24.23 26.86
N GLU A 48 31.74 23.30 25.05
CA GLU A 48 31.08 22.04 24.85
C GLU A 48 31.31 21.13 26.04
N LEU A 49 32.57 20.98 26.44
CA LEU A 49 32.96 20.01 27.49
C LEU A 49 32.54 20.37 28.93
N GLN A 50 32.59 21.65 29.30
CA GLN A 50 32.29 22.10 30.67
C GLN A 50 30.84 21.78 31.10
N ALA A 51 29.92 21.86 30.14
CA ALA A 51 28.49 21.68 30.43
C ALA A 51 28.02 20.22 30.47
N ASN A 53 27.99 16.18 31.98
CA ASN A 53 28.16 15.40 33.19
C ASN A 53 28.83 14.07 32.90
N PHE A 54 30.16 14.11 32.87
CA PHE A 54 30.95 12.90 32.85
C PHE A 54 30.65 12.20 34.17
N GLU A 55 30.90 10.90 34.22
CA GLU A 55 30.52 10.07 35.37
C GLU A 55 29.13 9.57 35.04
N GLU A 56 28.20 10.49 34.84
CA GLU A 56 26.87 10.10 34.38
C GLU A 56 26.96 9.41 33.02
N LEU A 57 27.81 9.91 32.14
CA LEU A 57 27.94 9.36 30.81
C LEU A 57 28.67 8.02 30.77
N ASN A 58 29.63 7.82 31.66
CA ASN A 58 30.21 6.48 31.83
C ASN A 58 29.17 5.54 32.44
N SER A 59 28.61 5.95 33.58
CA SER A 59 27.50 5.23 34.23
C SER A 59 26.39 4.78 33.26
N PHE A 60 26.03 5.64 32.32
CA PHE A 60 25.07 5.27 31.29
C PHE A 60 25.67 4.17 30.45
N PHE A 61 26.92 4.38 30.05
CA PHE A 61 27.60 3.45 29.17
C PHE A 61 27.83 2.09 29.84
N ARG A 62 28.11 2.11 31.15
CA ARG A 62 28.14 0.88 31.96
C ARG A 62 26.81 0.12 31.91
N LYS A 63 25.76 0.80 32.36
CA LYS A 63 24.43 0.19 32.54
C LYS A 63 23.74 -0.14 31.22
N ALA A 64 24.16 0.53 30.16
CA ALA A 64 23.66 0.23 28.83
C ALA A 64 24.44 -0.91 28.18
N ILE A 65 25.65 -1.20 28.67
CA ILE A 65 26.45 -2.31 28.12
C ILE A 65 26.32 -3.58 28.98
N GLY A 66 26.01 -3.44 30.27
CA GLY A 66 25.59 -4.61 31.05
C GLY A 66 24.26 -5.19 30.58
N GLU A 67 23.85 -4.86 29.34
CA GLU A 67 22.57 -5.32 28.79
C GLU A 67 22.67 -5.66 27.29
N PHE A 68 23.22 -4.77 26.47
CA PHE A 68 23.66 -5.17 25.13
C PHE A 68 24.55 -6.39 25.28
N ASP A 69 25.03 -6.61 26.51
CA ASP A 69 25.56 -7.90 26.99
C ASP A 69 24.77 -8.36 28.24
N ARG A 70 24.07 -9.48 28.13
CA ARG A 70 23.19 -9.98 29.18
C ARG A 70 22.00 -10.62 28.49
N SER A 71 21.33 -9.83 27.65
CA SER A 71 20.34 -10.34 26.70
C SER A 71 21.03 -11.08 25.58
N SER A 72 22.31 -10.75 25.38
CA SER A 72 23.18 -11.50 24.47
C SER A 72 23.08 -13.03 24.66
N HIS A 73 23.09 -13.48 25.93
CA HIS A 73 23.00 -14.91 26.24
C HIS A 73 21.61 -15.25 26.80
N GLN A 74 20.59 -14.85 26.04
CA GLN A 74 19.20 -15.09 26.39
C GLN A 74 18.41 -15.45 25.13
N GLU A 75 17.21 -15.96 25.33
CA GLU A 75 16.27 -16.19 24.24
C GLU A 75 16.16 -14.95 23.35
N LYS A 76 16.03 -15.16 22.03
CA LYS A 76 15.73 -14.06 21.10
C LYS A 76 14.33 -13.51 21.39
N VAL A 77 14.10 -12.25 21.01
CA VAL A 77 12.83 -11.58 21.31
C VAL A 77 11.61 -12.33 20.73
N ASP A 78 11.81 -13.09 19.66
CA ASP A 78 10.74 -13.81 18.98
C ASP A 78 10.07 -14.89 19.81
N ALA A 79 10.79 -15.41 20.79
CA ALA A 79 10.28 -16.49 21.63
C ALA A 79 9.58 -15.98 22.88
N ARG A 80 9.65 -14.68 23.12
CA ARG A 80 9.11 -14.07 24.33
C ARG A 80 8.01 -13.08 23.98
N GLU A 82 4.07 -12.20 22.85
CA GLU A 82 2.67 -12.62 22.77
C GLU A 82 1.85 -11.41 22.34
N PRO A 83 0.67 -11.62 21.77
CA PRO A 83 -0.05 -10.48 21.28
C PRO A 83 -0.62 -9.63 22.39
N VAL A 84 -1.31 -8.58 21.99
CA VAL A 84 -2.08 -7.80 22.92
C VAL A 84 -3.30 -8.66 23.23
N PRO A 85 -3.70 -8.72 24.50
CA PRO A 85 -4.85 -9.55 24.78
C PRO A 85 -6.12 -8.82 24.36
N ARG A 86 -7.09 -9.56 23.84
CA ARG A 86 -8.34 -8.95 23.35
C ARG A 86 -9.02 -8.04 24.39
N GLN A 87 -8.82 -8.32 25.68
CA GLN A 87 -9.45 -7.58 26.78
C GLN A 87 -9.04 -6.11 26.83
N VAL A 88 -7.90 -5.80 26.22
CA VAL A 88 -7.23 -4.49 26.31
C VAL A 88 -7.43 -3.58 25.08
N LEU A 89 -7.96 -4.15 24.00
CA LEU A 89 -7.92 -3.53 22.67
C LEU A 89 -9.26 -2.91 22.29
N GLY A 90 -9.27 -1.63 21.95
CA GLY A 90 -10.46 -0.97 21.41
C GLY A 90 -10.29 -0.71 19.93
N SER A 91 -11.41 -0.51 19.23
CA SER A 91 -11.40 -0.43 17.76
C SER A 91 -12.47 0.48 17.17
N ALA A 92 -12.03 1.45 16.35
CA ALA A 92 -12.93 2.35 15.65
C ALA A 92 -13.91 1.59 14.74
N THR A 93 -13.47 0.47 14.17
CA THR A 93 -14.38 -0.37 13.36
C THR A 93 -15.33 -1.24 14.21
N ARG A 94 -14.80 -2.12 15.04
CA ARG A 94 -15.62 -3.12 15.76
C ARG A 94 -16.36 -2.63 17.03
N ASP A 95 -16.35 -1.33 17.32
CA ASP A 95 -17.07 -0.77 18.46
C ASP A 95 -17.78 0.50 18.02
N GLN A 96 -19.10 0.56 18.18
CA GLN A 96 -19.91 1.57 17.48
C GLN A 96 -20.44 2.70 18.34
N GLU A 97 -21.71 2.66 18.79
CA GLU A 97 -22.30 3.81 19.54
C GLU A 97 -21.46 4.16 20.77
N GLN A 98 -20.54 3.25 21.09
CA GLN A 98 -19.41 3.52 21.96
C GLN A 98 -18.64 4.78 21.53
N LEU A 99 -18.54 5.00 20.22
CA LEU A 99 -17.71 6.07 19.64
C LEU A 99 -18.23 7.45 19.89
N GLN A 100 -19.55 7.60 19.79
CA GLN A 100 -20.20 8.85 20.14
C GLN A 100 -20.04 9.08 21.64
N ALA A 101 -20.03 7.99 22.39
CA ALA A 101 -19.92 8.05 23.83
C ALA A 101 -18.51 8.45 24.25
N TRP A 102 -17.51 7.87 23.60
CA TRP A 102 -16.13 8.23 23.90
C TRP A 102 -15.86 9.66 23.47
N GLU A 103 -16.20 9.99 22.23
CA GLU A 103 -16.15 11.37 21.76
C GLU A 103 -16.60 12.40 22.83
N SER A 104 -17.84 12.32 23.32
CA SER A 104 -18.38 13.39 24.16
C SER A 104 -17.63 13.51 25.49
N GLU A 105 -17.11 12.38 25.98
CA GLU A 105 -16.24 12.36 27.17
C GLU A 105 -14.95 13.08 26.87
N GLY A 106 -14.39 12.80 25.69
CA GLY A 106 -13.20 13.53 25.19
C GLY A 106 -13.41 15.04 25.19
N LEU A 107 -14.48 15.46 24.51
CA LEU A 107 -14.82 16.89 24.40
C LEU A 107 -14.95 17.55 25.74
N SER A 108 -15.57 16.85 26.69
CA SER A 108 -15.86 17.43 28.00
C SER A 108 -14.56 17.70 28.70
N GLN A 109 -13.67 16.70 28.68
CA GLN A 109 -12.31 16.84 29.22
C GLN A 109 -11.56 18.03 28.61
N ILE A 110 -11.63 18.14 27.29
CA ILE A 110 -11.07 19.26 26.56
C ILE A 110 -11.71 20.54 27.08
N SER A 111 -13.04 20.49 27.20
CA SER A 111 -13.88 21.61 27.58
C SER A 111 -13.72 22.07 29.02
N GLN A 112 -13.24 21.19 29.89
CA GLN A 112 -12.91 21.58 31.27
C GLN A 112 -11.41 21.86 31.38
N ASN A 113 -10.74 22.09 30.24
CA ASN A 113 -9.32 22.42 30.21
C ASN A 113 -8.41 21.36 30.87
N LYS A 114 -8.81 20.09 30.78
CA LYS A 114 -8.04 19.01 31.39
C LYS A 114 -7.15 18.26 30.36
N VAL A 115 -6.96 18.86 29.17
CA VAL A 115 -6.23 18.23 28.06
C VAL A 115 -5.14 19.10 27.41
N ALA A 116 -3.96 18.52 27.27
CA ALA A 116 -2.88 19.15 26.52
C ALA A 116 -2.39 18.21 25.43
N VAL A 117 -1.63 18.75 24.49
CA VAL A 117 -0.88 17.87 23.61
C VAL A 117 0.62 18.08 23.70
N LEU A 118 1.31 17.11 23.11
CA LEU A 118 2.71 16.94 23.31
C LEU A 118 3.30 16.45 21.99
N LEU A 119 3.90 17.39 21.26
CA LEU A 119 4.34 17.13 19.92
C LEU A 119 5.81 16.86 19.95
N LEU A 120 6.18 15.71 19.40
CA LEU A 120 7.55 15.41 19.06
C LEU A 120 7.77 15.88 17.63
N ALA A 121 8.15 17.14 17.49
CA ALA A 121 8.82 17.56 16.28
C ALA A 121 10.18 16.95 16.48
N GLY A 122 10.92 16.76 15.40
CA GLY A 122 12.21 16.10 15.50
C GLY A 122 13.28 17.17 15.53
N GLY A 123 14.16 17.06 14.55
CA GLY A 123 15.13 18.08 14.26
C GLY A 123 14.96 18.38 12.79
N GLN A 124 16.07 18.63 12.12
CA GLN A 124 16.03 19.04 10.71
C GLN A 124 15.50 17.91 9.85
N GLY A 125 14.81 18.25 8.76
CA GLY A 125 14.23 17.25 7.88
C GLY A 125 15.31 16.64 6.99
N THR A 126 16.33 16.10 7.61
CA THR A 126 17.50 15.59 6.91
C THR A 126 17.11 14.49 5.94
N ARG A 127 16.40 13.48 6.42
CA ARG A 127 15.96 12.39 5.58
C ARG A 127 15.15 12.92 4.41
N LEU A 128 14.48 14.06 4.59
CA LEU A 128 13.62 14.63 3.54
C LEU A 128 14.37 15.50 2.54
N GLY A 129 15.64 15.77 2.82
CA GLY A 129 16.50 16.56 1.92
C GLY A 129 16.41 18.07 2.13
N VAL A 130 16.16 18.49 3.38
CA VAL A 130 16.01 19.91 3.68
C VAL A 130 16.65 20.25 5.01
N SER A 131 16.92 21.53 5.20
CA SER A 131 17.65 21.97 6.38
C SER A 131 16.71 22.39 7.53
N TYR A 132 15.39 22.26 7.32
CA TYR A 132 14.37 22.69 8.31
C TYR A 132 13.60 21.49 8.86
N PRO A 133 12.96 21.65 10.04
CA PRO A 133 12.19 20.55 10.64
C PRO A 133 10.89 20.21 9.91
N LYS A 134 10.45 18.98 10.08
CA LYS A 134 9.29 18.48 9.36
C LYS A 134 8.00 19.27 9.61
N GLY A 135 7.89 19.87 10.80
CA GLY A 135 6.70 20.66 11.15
C GLY A 135 6.39 21.72 10.11
N TYR A 137 6.98 21.43 6.83
CA TYR A 137 6.97 20.87 5.51
C TYR A 137 5.63 21.11 4.80
N ASP A 138 5.70 21.80 3.67
CA ASP A 138 4.56 22.02 2.78
C ASP A 138 4.51 20.84 1.86
N VAL A 139 3.61 19.90 2.12
CA VAL A 139 3.53 18.73 1.24
C VAL A 139 2.96 19.08 -0.13
N GLY A 140 2.63 20.34 -0.34
CA GLY A 140 2.13 20.80 -1.62
C GLY A 140 0.64 20.64 -1.82
N LEU A 141 -0.13 20.80 -0.75
CA LEU A 141 -1.59 20.92 -0.85
C LEU A 141 -1.96 22.20 -1.61
N PRO A 142 -3.22 22.30 -2.08
CA PRO A 142 -3.69 23.57 -2.65
C PRO A 142 -3.53 24.75 -1.69
N SER A 143 -3.76 24.53 -0.40
CA SER A 143 -3.57 25.60 0.59
C SER A 143 -2.11 25.83 0.89
N HIS A 144 -1.25 24.91 0.47
CA HIS A 144 0.17 24.99 0.76
C HIS A 144 0.46 25.18 2.26
N LYS A 145 -0.43 24.64 3.10
CA LYS A 145 -0.23 24.69 4.55
C LYS A 145 0.81 23.66 4.99
N THR A 146 1.57 24.04 6.02
CA THR A 146 2.57 23.17 6.61
C THR A 146 1.89 22.21 7.53
N LEU A 147 2.66 21.26 8.05
CA LEU A 147 2.10 20.33 8.96
C LEU A 147 1.70 21.11 10.19
N PHE A 148 2.67 21.86 10.74
CA PHE A 148 2.40 22.65 11.91
C PHE A 148 1.06 23.37 11.81
N GLN A 149 0.76 23.92 10.65
CA GLN A 149 -0.50 24.66 10.50
C GLN A 149 -1.70 23.74 10.62
N ILE A 150 -1.68 22.68 9.79
CA ILE A 150 -2.76 21.73 9.79
C ILE A 150 -3.05 21.29 11.21
N GLN A 151 -2.01 20.97 11.95
CA GLN A 151 -2.14 20.55 13.34
C GLN A 151 -2.72 21.67 14.19
N ALA A 152 -2.09 22.84 14.18
CA ALA A 152 -2.57 23.94 14.98
C ALA A 152 -4.06 24.14 14.79
N GLU A 153 -4.50 24.11 13.54
CA GLU A 153 -5.90 24.38 13.22
C GLU A 153 -6.84 23.26 13.68
N ARG A 154 -6.29 22.07 13.91
CA ARG A 154 -7.06 20.99 14.54
C ARG A 154 -7.20 21.23 16.04
N ILE A 155 -6.22 21.90 16.64
CA ILE A 155 -6.35 22.31 18.04
C ILE A 155 -7.43 23.38 18.20
N LEU A 156 -7.51 24.29 17.24
CA LEU A 156 -8.51 25.37 17.29
C LEU A 156 -9.92 24.88 17.10
N LYS A 157 -10.06 23.94 16.16
CA LYS A 157 -11.37 23.39 15.83
C LYS A 157 -11.98 22.64 16.99
N LEU A 158 -11.16 21.90 17.72
CA LEU A 158 -11.60 21.16 18.90
C LEU A 158 -12.05 22.11 19.97
N GLN A 159 -11.27 23.15 20.20
CA GLN A 159 -11.68 24.20 21.12
C GLN A 159 -13.08 24.72 20.74
N GLN A 160 -13.32 24.95 19.45
CA GLN A 160 -14.61 25.49 19.03
C GLN A 160 -15.69 24.43 19.23
N LEU A 161 -15.40 23.21 18.81
CA LEU A 161 -16.34 22.11 18.93
C LEU A 161 -16.68 21.76 20.34
N ALA A 162 -15.66 21.64 21.18
CA ALA A 162 -15.86 21.39 22.60
C ALA A 162 -16.72 22.45 23.30
N GLU A 163 -16.65 23.69 22.82
CA GLU A 163 -17.36 24.80 23.46
C GLU A 163 -18.82 24.77 23.04
N LYS A 164 -19.06 24.50 21.76
CA LYS A 164 -20.43 24.42 21.28
C LYS A 164 -21.18 23.30 21.97
N HIS A 165 -20.44 22.40 22.61
CA HIS A 165 -21.02 21.20 23.18
C HIS A 165 -21.09 21.18 24.69
N HIS A 166 -20.44 22.12 25.37
CA HIS A 166 -20.43 22.15 26.85
C HIS A 166 -20.64 23.51 27.52
N GLY A 167 -20.71 24.59 26.74
CA GLY A 167 -20.90 25.91 27.29
C GLY A 167 -19.59 26.65 27.49
N ASN A 168 -18.71 26.13 28.33
CA ASN A 168 -17.45 26.83 28.66
C ASN A 168 -16.53 26.93 27.44
N LYS A 169 -15.84 28.07 27.29
CA LYS A 169 -14.74 28.21 26.33
C LYS A 169 -13.56 27.51 26.98
N CYS A 170 -12.58 27.09 26.16
CA CYS A 170 -11.46 26.30 26.66
C CYS A 170 -10.24 26.36 25.74
N THR A 171 -9.06 26.02 26.28
CA THR A 171 -7.81 25.91 25.49
C THR A 171 -7.20 24.50 25.57
N ILE A 172 -6.41 24.12 24.57
CA ILE A 172 -5.65 22.88 24.60
C ILE A 172 -4.19 23.25 24.45
N PRO A 173 -3.46 23.42 25.56
CA PRO A 173 -2.06 23.81 25.46
C PRO A 173 -1.21 22.87 24.61
N TRP A 174 -0.20 23.45 23.95
CA TRP A 174 0.61 22.76 22.95
C TRP A 174 2.09 22.79 23.34
N TYR A 175 2.52 21.73 24.00
CA TYR A 175 3.90 21.60 24.40
C TYR A 175 4.65 20.99 23.24
N ILE A 176 5.54 21.77 22.62
CA ILE A 176 6.26 21.32 21.44
C ILE A 176 7.72 21.03 21.75
N THR A 178 11.46 19.93 20.39
CA THR A 178 12.22 20.10 19.17
C THR A 178 13.70 19.98 19.50
N SER A 179 14.53 19.78 18.47
CA SER A 179 15.98 19.77 18.62
C SER A 179 16.55 21.16 18.96
N GLY A 180 17.72 21.16 19.61
CA GLY A 180 18.41 22.40 19.94
C GLY A 180 18.73 23.27 18.73
N ARG A 181 18.99 22.65 17.58
CA ARG A 181 19.23 23.41 16.33
C ARG A 181 17.98 24.22 16.01
N THR A 182 16.87 23.50 15.86
CA THR A 182 15.64 23.97 15.23
C THR A 182 14.75 24.84 16.11
N GLU A 184 14.99 28.07 17.60
CA GLU A 184 14.72 29.45 17.24
C GLU A 184 14.14 29.58 15.81
N SER A 185 14.42 28.64 14.92
CA SER A 185 13.76 28.66 13.60
C SER A 185 12.24 28.43 13.71
N THR A 186 11.86 27.59 14.67
CA THR A 186 10.45 27.21 14.88
C THR A 186 9.70 28.33 15.58
N LYS A 187 10.34 28.99 16.53
CA LYS A 187 9.76 30.16 17.15
C LYS A 187 9.61 31.24 16.08
N GLU A 188 10.61 31.42 15.22
CA GLU A 188 10.49 32.43 14.17
C GLU A 188 9.31 32.10 13.25
N PHE A 189 9.19 30.83 12.89
CA PHE A 189 8.13 30.35 12.01
C PHE A 189 6.75 30.56 12.58
N PHE A 190 6.60 30.19 13.83
CA PHE A 190 5.33 30.37 14.50
C PHE A 190 4.99 31.84 14.60
N THR A 191 5.99 32.67 14.95
CA THR A 191 5.78 34.13 15.04
C THR A 191 5.38 34.71 13.68
N LYS A 192 6.18 34.43 12.65
CA LYS A 192 5.82 34.79 11.28
C LYS A 192 4.34 34.52 11.03
N HIS A 193 3.79 33.46 11.61
CA HIS A 193 2.38 33.08 11.36
C HIS A 193 1.46 33.36 12.54
N LYS A 194 1.83 34.33 13.38
CA LYS A 194 1.00 34.72 14.51
C LYS A 194 0.38 33.48 15.17
N PHE A 195 1.20 32.46 15.37
CA PHE A 195 0.79 31.21 16.03
C PHE A 195 -0.45 30.49 15.42
N PHE A 196 -0.62 30.67 14.11
CA PHE A 196 -1.71 30.06 13.31
C PHE A 196 -3.14 30.31 13.80
N GLY A 197 -3.30 31.25 14.72
CA GLY A 197 -4.60 31.56 15.33
C GLY A 197 -4.59 31.39 16.83
N LEU A 198 -3.63 30.62 17.33
CA LEU A 198 -3.57 30.30 18.74
C LEU A 198 -2.87 31.40 19.49
N LYS A 199 -3.08 31.43 20.79
CA LYS A 199 -2.38 32.38 21.62
C LYS A 199 -0.96 31.84 21.89
N LYS A 200 0.04 32.73 21.95
CA LYS A 200 1.45 32.33 22.20
C LYS A 200 1.69 31.85 23.64
N GLU A 201 0.85 32.30 24.58
CA GLU A 201 0.90 31.81 25.98
C GLU A 201 0.61 30.30 26.04
N ASN A 202 -0.11 29.78 25.05
CA ASN A 202 -0.51 28.38 25.00
C ASN A 202 0.32 27.51 24.05
N VAL A 203 1.40 28.05 23.50
CA VAL A 203 2.43 27.23 22.86
C VAL A 203 3.71 27.34 23.65
N VAL A 204 4.12 26.21 24.20
CA VAL A 204 5.27 26.12 25.09
C VAL A 204 6.31 25.20 24.49
N PHE A 205 7.44 25.76 24.06
CA PHE A 205 8.47 24.97 23.40
C PHE A 205 9.54 24.55 24.41
N PHE A 206 10.12 23.38 24.20
CA PHE A 206 11.29 22.96 24.96
C PHE A 206 12.16 22.00 24.13
N GLN A 207 13.39 21.83 24.61
CA GLN A 207 14.48 21.29 23.82
C GLN A 207 14.82 19.85 24.21
N GLN A 208 15.00 18.98 23.20
CA GLN A 208 15.47 17.61 23.43
C GLN A 208 16.93 17.67 23.83
N GLY A 209 17.31 16.87 24.83
CA GLY A 209 18.70 16.76 25.24
C GLY A 209 19.50 15.94 24.24
N LEU A 211 23.18 13.09 23.58
CA LEU A 211 24.17 12.16 24.06
C LEU A 211 25.30 12.09 23.06
N PRO A 212 26.52 11.88 23.55
CA PRO A 212 27.65 11.79 22.66
C PRO A 212 27.89 10.36 22.24
N ALA A 213 28.45 10.18 21.06
CA ALA A 213 28.83 8.85 20.59
C ALA A 213 30.02 8.32 21.38
N SER A 215 33.10 5.18 21.70
CA SER A 215 33.86 4.04 21.21
C SER A 215 33.32 2.78 21.91
N PHE A 216 33.59 1.61 21.34
CA PHE A 216 33.25 0.36 22.01
C PHE A 216 33.89 0.26 23.41
N ASP A 217 34.91 1.07 23.67
CA ASP A 217 35.53 1.19 25.01
C ASP A 217 34.93 2.30 25.89
N GLY A 218 33.78 2.86 25.49
CA GLY A 218 33.13 3.90 26.30
C GLY A 218 33.93 5.18 26.46
N LYS A 219 34.84 5.41 25.52
CA LYS A 219 35.60 6.63 25.43
C LYS A 219 34.84 7.53 24.44
N ILE A 220 34.52 8.75 24.88
CA ILE A 220 33.74 9.73 24.09
C ILE A 220 34.48 10.01 22.79
N ILE A 221 33.74 10.23 21.69
CA ILE A 221 34.35 10.37 20.37
C ILE A 221 34.40 11.82 19.89
N LEU A 222 35.55 12.25 19.39
CA LEU A 222 35.69 13.57 18.81
C LEU A 222 35.45 13.55 17.29
N GLU A 223 34.43 14.25 16.85
CA GLU A 223 34.10 14.34 15.42
C GLU A 223 35.15 15.15 14.67
N GLU A 224 35.63 16.23 15.30
CA GLU A 224 36.76 17.01 14.82
C GLU A 224 37.68 17.34 15.98
N LYS A 225 38.83 17.94 15.69
CA LYS A 225 39.78 18.31 16.73
C LYS A 225 39.14 19.04 17.92
N ASN A 226 38.08 19.82 17.69
CA ASN A 226 37.43 20.55 18.77
C ASN A 226 35.94 20.28 18.96
N LYS A 227 35.40 19.28 18.29
CA LYS A 227 33.98 18.99 18.43
C LYS A 227 33.76 17.56 18.89
N VAL A 228 33.01 17.39 19.98
CA VAL A 228 32.56 16.08 20.42
C VAL A 228 31.47 15.68 19.45
N SER A 229 31.38 14.39 19.13
CA SER A 229 30.35 13.88 18.21
C SER A 229 29.04 13.66 18.98
N ALA A 231 24.63 13.49 19.33
CA ALA A 231 23.37 13.11 18.71
C ALA A 231 22.21 13.30 19.68
N PRO A 232 20.98 13.35 19.17
CA PRO A 232 19.79 13.26 20.01
C PRO A 232 19.71 11.97 20.83
N ASP A 233 19.12 12.06 22.02
CA ASP A 233 18.98 10.90 22.89
C ASP A 233 17.75 10.03 22.56
N GLY A 234 17.15 10.22 21.38
CA GLY A 234 15.94 9.49 20.98
C GLY A 234 14.66 10.09 21.57
N ASN A 235 13.54 9.88 20.89
CA ASN A 235 12.20 10.18 21.44
C ASN A 235 12.14 10.07 22.98
N GLY A 236 12.71 9.01 23.52
CA GLY A 236 12.61 8.73 24.94
C GLY A 236 13.24 9.75 25.85
N GLY A 237 14.14 10.56 25.30
CA GLY A 237 14.66 11.71 26.02
C GLY A 237 13.56 12.69 26.34
N LEU A 238 12.42 12.55 25.67
CA LEU A 238 11.21 13.30 26.00
C LEU A 238 11.09 13.52 27.49
N TYR A 239 11.26 12.43 28.23
CA TYR A 239 11.01 12.41 29.66
C TYR A 239 12.03 13.30 30.39
N ARG A 240 13.31 12.92 30.33
CA ARG A 240 14.41 13.76 30.82
C ARG A 240 14.25 15.22 30.38
N ALA A 241 13.90 15.41 29.11
CA ALA A 241 13.66 16.74 28.57
C ALA A 241 12.54 17.47 29.31
N LEU A 242 11.49 16.76 29.74
CA LEU A 242 10.39 17.37 30.49
C LEU A 242 10.82 17.82 31.89
N ALA A 243 11.69 17.01 32.52
CA ALA A 243 12.11 17.25 33.90
C ALA A 243 12.98 18.49 33.98
N ALA A 244 13.95 18.55 33.08
CA ALA A 244 14.88 19.67 32.98
C ALA A 244 14.19 21.04 33.03
N GLN A 245 13.12 21.20 32.25
CA GLN A 245 12.41 22.47 32.14
C GLN A 245 10.99 22.41 32.71
N ASN A 246 10.80 21.58 33.73
CA ASN A 246 9.63 21.63 34.62
C ASN A 246 8.31 21.60 33.93
N ILE A 247 8.27 20.86 32.83
CA ILE A 247 7.11 20.86 31.98
C ILE A 247 5.94 20.22 32.69
N VAL A 248 6.21 19.28 33.60
CA VAL A 248 5.15 18.66 34.39
C VAL A 248 4.44 19.66 35.31
N GLU A 249 5.20 20.53 35.98
CA GLU A 249 4.63 21.51 36.94
C GLU A 249 3.74 22.48 36.16
N ASP A 250 4.24 22.90 35.01
CA ASP A 250 3.51 23.78 34.13
C ASP A 250 2.14 23.23 33.75
N GLU A 252 0.54 20.60 35.62
CA GLU A 252 -0.08 20.47 36.94
C GLU A 252 -0.76 21.78 37.34
N GLN A 253 -0.08 22.90 37.12
CA GLN A 253 -0.64 24.19 37.50
C GLN A 253 -1.55 24.78 36.42
N ARG A 254 -1.43 24.31 35.19
CA ARG A 254 -2.48 24.58 34.21
C ARG A 254 -3.74 23.77 34.51
N GLY A 255 -3.59 22.68 35.27
CA GLY A 255 -4.71 21.84 35.69
C GLY A 255 -5.09 20.84 34.62
N ILE A 256 -4.09 20.27 33.97
CA ILE A 256 -4.28 19.32 32.89
C ILE A 256 -4.14 17.92 33.43
N CYS A 257 -5.06 17.06 33.01
CA CYS A 257 -5.07 15.64 33.42
C CYS A 257 -4.56 14.73 32.33
N SER A 258 -4.96 14.99 31.09
CA SER A 258 -4.64 14.07 30.01
C SER A 258 -3.65 14.69 29.05
N ILE A 259 -2.73 13.88 28.56
CA ILE A 259 -1.84 14.29 27.49
C ILE A 259 -1.99 13.37 26.28
N HIS A 260 -2.31 13.97 25.14
CA HIS A 260 -2.19 13.26 23.88
C HIS A 260 -0.77 13.54 23.38
N VAL A 261 0.06 12.51 23.33
CA VAL A 261 1.41 12.65 22.82
C VAL A 261 1.54 12.00 21.45
N TYR A 262 2.15 12.73 20.53
CA TYR A 262 2.18 12.33 19.14
C TYR A 262 3.40 12.92 18.46
N CYS A 263 3.85 12.28 17.37
CA CYS A 263 5.00 12.76 16.61
C CYS A 263 4.51 13.56 15.42
N VAL A 264 5.32 14.51 14.93
CA VAL A 264 4.89 15.54 13.96
C VAL A 264 4.69 15.10 12.50
N ASP A 265 5.27 13.97 12.11
CA ASP A 265 5.38 13.67 10.69
C ASP A 265 4.15 13.08 9.99
N ASN A 266 3.09 12.79 10.74
CA ASN A 266 1.83 12.22 10.21
C ASN A 266 0.81 13.32 9.88
N ILE A 267 0.58 13.53 8.59
CA ILE A 267 -0.28 14.63 8.17
C ILE A 267 -1.75 14.47 8.61
N LEU A 268 -2.18 13.23 8.86
CA LEU A 268 -3.56 12.91 9.24
C LEU A 268 -3.78 12.91 10.74
N VAL A 269 -2.76 13.21 11.53
CA VAL A 269 -2.90 13.02 12.95
C VAL A 269 -4.11 13.76 13.54
N LYS A 270 -4.81 13.05 14.42
CA LYS A 270 -6.03 13.56 15.02
C LYS A 270 -5.65 14.17 16.37
N VAL A 271 -5.20 15.42 16.30
CA VAL A 271 -4.61 16.06 17.44
C VAL A 271 -5.63 16.15 18.56
N ALA A 272 -5.23 15.72 19.75
CA ALA A 272 -6.09 15.62 20.94
C ALA A 272 -7.41 14.89 20.68
N ASP A 273 -7.40 13.97 19.70
CA ASP A 273 -8.55 13.16 19.36
C ASP A 273 -9.41 12.87 20.59
N PRO A 274 -10.66 13.32 20.58
CA PRO A 274 -11.50 13.12 21.75
C PRO A 274 -11.98 11.67 21.88
N ARG A 275 -12.13 10.99 20.75
CA ARG A 275 -12.50 9.58 20.78
C ARG A 275 -11.47 8.72 21.52
N PHE A 276 -10.20 8.85 21.15
CA PHE A 276 -9.11 8.13 21.83
C PHE A 276 -8.98 8.57 23.32
N ILE A 277 -8.97 9.88 23.56
CA ILE A 277 -8.95 10.34 24.96
C ILE A 277 -10.15 9.77 25.71
N GLY A 278 -11.30 9.77 25.06
CA GLY A 278 -12.55 9.35 25.70
C GLY A 278 -12.51 7.90 26.10
N PHE A 279 -12.04 7.08 25.17
CA PHE A 279 -11.80 5.66 25.40
C PHE A 279 -10.89 5.43 26.60
N CYS A 280 -9.80 6.18 26.64
CA CYS A 280 -8.79 5.97 27.66
C CYS A 280 -9.37 6.36 29.02
N ILE A 281 -10.04 7.50 29.08
CA ILE A 281 -10.67 7.94 30.33
C ILE A 281 -11.74 6.96 30.80
N GLN A 282 -12.58 6.49 29.88
CA GLN A 282 -13.66 5.55 30.20
C GLN A 282 -13.10 4.23 30.71
N LYS A 283 -12.12 3.68 30.00
CA LYS A 283 -11.47 2.44 30.43
C LYS A 283 -10.54 2.69 31.62
N GLY A 284 -10.37 3.95 32.04
CA GLY A 284 -9.59 4.26 33.25
C GLY A 284 -8.13 3.92 33.09
N ALA A 285 -7.63 4.08 31.88
CA ALA A 285 -6.25 3.81 31.57
C ALA A 285 -5.41 4.96 32.10
N ASP A 286 -4.14 4.65 32.39
CA ASP A 286 -3.14 5.68 32.63
C ASP A 286 -2.22 5.84 31.44
N CYS A 287 -2.38 4.94 30.47
CA CYS A 287 -1.50 4.87 29.32
C CYS A 287 -2.28 4.25 28.18
N GLY A 288 -2.04 4.76 26.98
CA GLY A 288 -2.76 4.28 25.83
C GLY A 288 -1.94 4.45 24.58
N ALA A 289 -2.04 3.49 23.70
CA ALA A 289 -1.40 3.59 22.40
C ALA A 289 -2.47 3.47 21.36
N LYS A 290 -2.54 4.43 20.45
CA LYS A 290 -3.29 4.25 19.23
C LYS A 290 -2.45 3.32 18.34
N VAL A 291 -3.11 2.49 17.53
CA VAL A 291 -2.43 1.59 16.57
C VAL A 291 -3.29 1.40 15.36
N VAL A 292 -2.69 0.94 14.27
CA VAL A 292 -3.39 0.58 13.01
C VAL A 292 -3.05 -0.86 12.58
N GLU A 293 -3.97 -1.50 11.87
CA GLU A 293 -3.80 -2.90 11.58
C GLU A 293 -2.67 -3.09 10.58
N LYS A 294 -1.61 -3.75 11.02
CA LYS A 294 -0.56 -4.24 10.14
C LYS A 294 -1.10 -5.49 9.47
N THR A 295 -1.02 -5.54 8.15
CA THR A 295 -1.57 -6.66 7.41
C THR A 295 -0.55 -7.36 6.54
N ASN A 296 0.50 -6.61 6.14
CA ASN A 296 1.61 -7.15 5.40
C ASN A 296 2.79 -7.42 6.30
N PRO A 297 3.23 -8.67 6.36
CA PRO A 297 4.31 -9.11 7.25
C PRO A 297 5.54 -8.20 7.26
N THR A 298 5.95 -7.72 6.06
CA THR A 298 7.17 -6.91 5.87
C THR A 298 6.95 -5.39 5.95
N GLU A 299 5.74 -4.96 6.28
CA GLU A 299 5.55 -3.56 6.54
C GLU A 299 6.46 -3.10 7.70
N PRO A 300 7.29 -2.07 7.49
CA PRO A 300 8.17 -1.60 8.52
C PRO A 300 7.43 -0.74 9.53
N VAL A 301 6.69 -1.39 10.41
CA VAL A 301 6.00 -0.69 11.46
C VAL A 301 6.11 -1.53 12.68
N GLY A 302 6.62 -0.92 13.75
CA GLY A 302 6.76 -1.63 15.00
C GLY A 302 5.40 -2.04 15.51
N VAL A 303 5.39 -3.10 16.32
CA VAL A 303 4.16 -3.63 16.87
C VAL A 303 4.11 -3.47 18.37
N VAL A 304 2.91 -3.24 18.88
CA VAL A 304 2.67 -3.19 20.30
C VAL A 304 2.34 -4.61 20.73
N CYS A 305 2.83 -5.00 21.90
CA CYS A 305 2.63 -6.35 22.39
C CYS A 305 3.32 -6.51 23.73
N ARG A 306 3.36 -7.76 24.21
CA ARG A 306 4.02 -8.08 25.46
C ARG A 306 5.26 -8.90 25.18
N VAL A 307 6.33 -8.58 25.90
CA VAL A 307 7.57 -9.33 25.90
C VAL A 307 7.80 -9.74 27.36
N ASP A 308 7.85 -11.05 27.61
CA ASP A 308 7.79 -11.59 28.97
C ASP A 308 6.60 -11.00 29.72
N GLY A 309 5.44 -10.98 29.07
CA GLY A 309 4.24 -10.44 29.69
C GLY A 309 4.28 -8.96 30.05
N VAL A 310 5.32 -8.23 29.62
CA VAL A 310 5.42 -6.78 29.81
C VAL A 310 5.09 -6.02 28.51
N TYR A 311 4.21 -5.02 28.60
CA TYR A 311 3.79 -4.25 27.42
C TYR A 311 4.93 -3.40 26.94
N GLN A 312 5.15 -3.45 25.62
CA GLN A 312 6.08 -2.57 24.92
C GLN A 312 5.90 -2.57 23.38
N VAL A 313 6.86 -1.97 22.69
CA VAL A 313 6.89 -2.00 21.24
C VAL A 313 8.13 -2.76 20.81
N VAL A 314 7.94 -3.77 19.97
CA VAL A 314 9.05 -4.41 19.30
C VAL A 314 9.14 -3.77 17.92
N GLU A 315 10.33 -3.22 17.64
CA GLU A 315 10.56 -2.48 16.41
C GLU A 315 10.62 -3.45 15.25
N TYR A 316 10.39 -2.96 14.04
CA TYR A 316 10.23 -3.83 12.88
C TYR A 316 11.54 -4.46 12.48
N SER A 317 12.64 -3.81 12.90
CA SER A 317 13.99 -4.26 12.63
C SER A 317 14.47 -5.38 13.55
N GLU A 318 13.69 -5.77 14.55
CA GLU A 318 14.13 -6.75 15.56
C GLU A 318 13.49 -8.13 15.44
N ILE A 319 12.41 -8.24 14.67
CA ILE A 319 11.73 -9.53 14.56
C ILE A 319 12.23 -10.33 13.37
N SER A 320 12.19 -11.64 13.50
CA SER A 320 12.38 -12.54 12.37
C SER A 320 11.21 -12.40 11.38
N LEU A 321 11.40 -12.94 10.20
CA LEU A 321 10.30 -13.02 9.25
C LEU A 321 9.21 -13.96 9.78
N ALA A 322 9.63 -15.05 10.42
CA ALA A 322 8.65 -16.02 10.91
C ALA A 322 7.64 -15.35 11.83
N THR A 323 8.15 -14.52 12.75
CA THR A 323 7.31 -13.75 13.65
C THR A 323 6.39 -12.80 12.89
N ALA A 324 6.95 -12.05 11.97
CA ALA A 324 6.17 -11.20 11.04
C ALA A 324 5.08 -11.94 10.27
N GLN A 325 5.32 -13.21 9.94
CA GLN A 325 4.36 -14.01 9.13
C GLN A 325 3.46 -14.90 9.97
N ARG A 326 3.66 -14.93 11.28
CA ARG A 326 2.74 -15.68 12.12
C ARG A 326 1.33 -15.13 11.95
N ARG A 327 0.33 -15.99 12.14
CA ARG A 327 -1.07 -15.67 11.88
C ARG A 327 -1.96 -16.28 12.93
N SER A 328 -2.92 -15.51 13.47
CA SER A 328 -3.93 -16.09 14.38
C SER A 328 -5.00 -16.87 13.59
N SER A 329 -5.79 -17.67 14.32
CA SER A 329 -6.86 -18.53 13.76
C SER A 329 -7.75 -17.80 12.77
N ASP A 330 -8.01 -16.53 13.08
CA ASP A 330 -8.83 -15.68 12.24
C ASP A 330 -8.20 -15.32 10.90
N GLY A 331 -6.97 -15.71 10.64
CA GLY A 331 -6.31 -15.43 9.37
C GLY A 331 -5.49 -14.14 9.36
N ARG A 332 -5.65 -13.33 10.41
CA ARG A 332 -4.90 -12.11 10.61
C ARG A 332 -3.48 -12.37 11.12
N LEU A 333 -2.62 -11.38 10.99
CA LEU A 333 -1.29 -11.46 11.59
C LEU A 333 -1.47 -11.49 13.09
N LEU A 334 -0.62 -12.26 13.74
CA LEU A 334 -0.67 -12.42 15.16
C LEU A 334 -0.23 -11.10 15.80
N PHE A 335 0.85 -10.53 15.29
CA PHE A 335 1.35 -9.24 15.76
C PHE A 335 0.97 -8.17 14.74
N ASN A 336 -0.26 -7.68 14.87
CA ASN A 336 -0.85 -6.77 13.89
C ASN A 336 -1.13 -5.40 14.47
N ALA A 337 -0.72 -5.17 15.71
CA ALA A 337 -0.92 -3.90 16.37
C ALA A 337 0.19 -2.89 16.00
N GLY A 338 0.05 -2.28 14.81
CA GLY A 338 1.07 -1.42 14.23
C GLY A 338 1.10 -0.07 14.93
N ASN A 339 2.24 0.29 15.51
CA ASN A 339 2.30 1.44 16.41
C ASN A 339 2.53 2.75 15.67
N ILE A 340 1.64 3.72 15.86
CA ILE A 340 1.74 5.01 15.18
C ILE A 340 2.16 6.19 16.09
N ALA A 341 2.94 5.91 17.13
CA ALA A 341 3.56 6.96 17.95
C ALA A 341 2.50 7.97 18.38
N ASN A 342 1.47 7.46 19.03
CA ASN A 342 0.29 8.23 19.38
C ASN A 342 -0.19 7.68 20.69
N HIS A 343 -0.06 8.46 21.76
CA HIS A 343 -0.30 7.88 23.05
C HIS A 343 -1.09 8.80 23.94
N PHE A 344 -1.58 8.21 25.02
CA PHE A 344 -2.36 8.90 26.00
C PHE A 344 -1.67 8.70 27.33
N PHE A 345 -1.45 9.78 28.07
CA PHE A 345 -0.92 9.73 29.43
C PHE A 345 -1.76 10.50 30.43
N THR A 346 -2.03 9.85 31.54
CA THR A 346 -2.31 10.53 32.79
C THR A 346 -1.06 11.37 33.12
N VAL A 347 -1.29 12.55 33.70
CA VAL A 347 -0.21 13.36 34.25
C VAL A 347 0.43 12.66 35.47
N PRO A 348 -0.36 12.31 36.50
CA PRO A 348 0.21 11.47 37.57
C PRO A 348 1.16 10.40 37.06
N PHE A 349 0.73 9.63 36.06
CA PHE A 349 1.53 8.58 35.48
C PHE A 349 2.80 9.16 34.88
N LEU A 350 2.60 10.07 33.94
CA LEU A 350 3.68 10.79 33.31
C LEU A 350 4.59 11.45 34.35
N LYS A 351 3.98 12.03 35.39
CA LYS A 351 4.74 12.64 36.49
C LYS A 351 5.66 11.59 37.08
N ASP A 352 5.11 10.41 37.35
CA ASP A 352 5.89 9.28 37.87
C ASP A 352 6.92 8.75 36.85
N VAL A 353 6.52 8.66 35.58
CA VAL A 353 7.46 8.26 34.54
C VAL A 353 8.65 9.20 34.53
N VAL A 354 8.38 10.49 34.59
CA VAL A 354 9.45 11.46 34.52
C VAL A 354 10.30 11.41 35.78
N ASN A 355 9.73 11.80 36.91
CA ASN A 355 10.47 11.85 38.16
C ASN A 355 11.08 10.50 38.62
N VAL A 356 10.35 9.41 38.44
CA VAL A 356 10.76 8.12 39.02
C VAL A 356 11.20 7.09 38.00
N TYR A 357 10.34 6.77 37.05
CA TYR A 357 10.60 5.59 36.24
C TYR A 357 11.64 5.74 35.14
N GLU A 358 11.68 6.87 34.44
CA GLU A 358 12.62 6.97 33.32
C GLU A 358 14.09 6.82 33.73
N PRO A 359 14.50 7.41 34.88
CA PRO A 359 15.84 7.14 35.43
C PRO A 359 16.13 5.65 35.70
N GLN A 360 15.10 4.88 36.02
CA GLN A 360 15.26 3.43 36.23
C GLN A 360 15.71 2.71 34.96
N LEU A 361 15.37 3.24 33.78
CA LEU A 361 15.76 2.60 32.55
C LEU A 361 17.25 2.78 32.28
N GLN A 362 17.80 1.88 31.44
CA GLN A 362 19.09 2.08 30.80
C GLN A 362 18.82 2.40 29.33
N HIS A 363 19.87 2.67 28.57
CA HIS A 363 19.71 3.14 27.19
C HIS A 363 19.88 2.02 26.22
N HIS A 364 19.18 2.10 25.11
CA HIS A 364 19.36 1.14 24.04
C HIS A 364 20.65 1.46 23.30
N VAL A 365 21.36 0.42 22.91
CA VAL A 365 22.68 0.56 22.36
C VAL A 365 22.68 0.07 20.94
N ALA A 366 23.38 0.78 20.08
CA ALA A 366 23.43 0.40 18.70
C ALA A 366 24.72 0.84 18.05
N GLN A 367 25.45 -0.13 17.51
CA GLN A 367 26.66 0.13 16.76
C GLN A 367 26.31 1.05 15.57
N LYS A 368 27.12 2.08 15.35
CA LYS A 368 26.94 3.00 14.21
C LYS A 368 28.29 3.36 13.60
N LYS A 369 28.28 3.90 12.39
CA LYS A 369 29.51 4.36 11.73
C LYS A 369 29.69 5.86 11.99
N ILE A 370 30.43 6.20 13.04
CA ILE A 370 30.57 7.61 13.48
C ILE A 370 31.73 8.35 12.80
N PRO A 371 31.42 9.44 12.04
CA PRO A 371 32.51 10.27 11.52
C PRO A 371 33.34 10.82 12.66
N TYR A 372 34.64 10.55 12.61
CA TYR A 372 35.55 10.91 13.69
C TYR A 372 36.87 11.43 13.11
N VAL A 373 37.68 12.03 13.99
CA VAL A 373 38.97 12.58 13.59
C VAL A 373 40.10 11.68 14.10
N ASP A 374 41.03 11.33 13.21
CA ASP A 374 42.14 10.46 13.54
C ASP A 374 43.26 11.29 14.11
N SER A 375 44.07 10.65 14.94
CA SER A 375 45.24 11.28 15.55
C SER A 375 46.22 11.86 14.51
N GLN A 376 46.28 11.24 13.32
CA GLN A 376 47.02 11.80 12.18
C GLN A 376 46.23 12.92 11.48
N GLY A 377 45.43 13.64 12.26
CA GLY A 377 44.75 14.87 11.81
C GLY A 377 43.49 14.66 11.01
N TYR A 378 43.45 13.54 10.29
CA TYR A 378 42.48 13.36 9.21
C TYR A 378 41.10 13.02 9.75
N PHE A 379 40.09 13.51 9.04
CA PHE A 379 38.69 13.37 9.38
C PHE A 379 38.17 12.21 8.54
N ILE A 380 37.90 11.09 9.21
CA ILE A 380 37.55 9.83 8.55
C ILE A 380 36.06 9.53 8.73
N LYS A 381 35.40 9.16 7.63
CA LYS A 381 34.04 8.59 7.66
C LYS A 381 34.18 7.07 7.43
N PRO A 382 34.03 6.28 8.50
CA PRO A 382 34.38 4.86 8.38
C PRO A 382 33.36 4.07 7.58
N ASP A 383 33.77 2.89 7.10
CA ASP A 383 32.88 1.94 6.44
C ASP A 383 32.38 0.90 7.45
N LYS A 384 33.25 0.47 8.37
CA LYS A 384 32.85 -0.34 9.53
C LYS A 384 32.35 0.56 10.65
N PRO A 385 31.31 0.11 11.39
CA PRO A 385 30.86 0.88 12.54
C PRO A 385 31.90 0.86 13.66
N ASN A 386 32.14 2.03 14.26
CA ASN A 386 33.21 2.19 15.24
C ASN A 386 32.75 2.49 16.66
N GLY A 387 31.58 3.07 16.80
CA GLY A 387 31.08 3.43 18.13
C GLY A 387 29.60 3.15 18.28
N ILE A 388 29.02 3.65 19.36
CA ILE A 388 27.63 3.35 19.66
C ILE A 388 26.83 4.60 19.94
N LYS A 389 25.57 4.57 19.54
CA LYS A 389 24.61 5.57 19.97
C LYS A 389 23.85 4.98 21.14
N GLU A 391 20.32 5.53 23.15
CA GLU A 391 19.01 6.13 22.96
C GLU A 391 18.03 5.64 24.00
N LYS A 392 16.90 6.32 24.08
CA LYS A 392 15.74 5.83 24.80
C LYS A 392 14.54 6.11 23.91
N PHE A 393 13.45 5.38 24.11
CA PHE A 393 12.25 5.52 23.28
C PHE A 393 11.00 5.89 24.10
N VAL A 394 10.08 6.60 23.47
CA VAL A 394 8.84 7.00 24.10
C VAL A 394 8.17 5.81 24.74
N PHE A 395 8.07 4.74 23.98
CA PHE A 395 7.34 3.55 24.38
C PHE A 395 8.06 2.62 25.37
N ASP A 396 9.23 3.02 25.85
CA ASP A 396 9.96 2.20 26.82
C ASP A 396 9.23 2.11 28.15
N ILE A 397 8.23 2.97 28.36
CA ILE A 397 7.58 3.10 29.68
C ILE A 397 6.14 2.57 29.78
N PHE A 398 5.69 1.82 28.79
CA PHE A 398 4.39 1.16 28.89
C PHE A 398 4.37 0.19 30.06
N GLN A 399 5.50 -0.49 30.27
CA GLN A 399 5.65 -1.49 31.32
C GLN A 399 5.33 -1.01 32.75
N PHE A 400 5.50 0.28 33.01
CA PHE A 400 5.21 0.86 34.31
C PHE A 400 3.75 1.28 34.50
N ALA A 401 2.96 1.26 33.44
CA ALA A 401 1.54 1.59 33.49
C ALA A 401 0.79 0.61 34.38
N LYS A 402 -0.04 1.11 35.30
CA LYS A 402 -0.90 0.24 36.10
C LYS A 402 -2.05 -0.32 35.23
N LYS A 403 -2.54 0.47 34.26
CA LYS A 403 -3.54 -0.01 33.30
C LYS A 403 -3.23 0.43 31.82
N PHE A 404 -2.61 -0.47 31.07
CA PHE A 404 -2.27 -0.17 29.69
C PHE A 404 -3.46 -0.54 28.82
N VAL A 405 -3.79 0.37 27.91
CA VAL A 405 -4.87 0.17 26.94
C VAL A 405 -4.40 0.48 25.49
N VAL A 406 -5.03 -0.17 24.52
CA VAL A 406 -4.62 -0.06 23.12
C VAL A 406 -5.83 0.19 22.24
N TYR A 407 -5.74 1.20 21.36
CA TYR A 407 -6.88 1.66 20.56
C TYR A 407 -6.57 1.57 19.07
N GLU A 408 -7.31 0.72 18.37
CA GLU A 408 -7.09 0.50 16.95
C GLU A 408 -7.95 1.46 16.15
N VAL A 409 -7.37 2.06 15.11
CA VAL A 409 -8.08 2.97 14.22
C VAL A 409 -7.79 2.59 12.79
N LEU A 410 -8.50 3.17 11.83
CA LEU A 410 -8.20 2.96 10.42
C LEU A 410 -7.03 3.83 9.95
N ARG A 411 -6.17 3.21 9.16
CA ARG A 411 -5.00 3.84 8.61
C ARG A 411 -5.38 5.02 7.76
N GLU A 412 -6.30 4.78 6.83
CA GLU A 412 -6.67 5.77 5.81
C GLU A 412 -7.25 7.08 6.38
N ASP A 413 -7.73 7.04 7.62
CA ASP A 413 -8.26 8.22 8.28
C ASP A 413 -7.28 8.85 9.25
N GLU A 414 -6.31 8.06 9.74
CA GLU A 414 -5.49 8.48 10.91
C GLU A 414 -3.99 8.42 10.71
N PHE A 415 -3.51 7.62 9.76
CA PHE A 415 -2.07 7.43 9.65
C PHE A 415 -1.58 7.50 8.20
N SER A 416 -0.82 8.56 7.92
CA SER A 416 -0.03 8.63 6.71
C SER A 416 1.16 9.51 7.00
N PRO A 417 2.35 8.88 7.17
CA PRO A 417 3.54 9.56 7.66
C PRO A 417 4.41 10.14 6.56
N LEU A 418 5.13 11.19 6.93
CA LEU A 418 6.07 11.84 6.04
C LEU A 418 7.46 11.43 6.49
N LYS A 419 8.04 10.47 5.78
CA LYS A 419 9.31 9.89 6.18
C LYS A 419 10.45 10.15 5.19
N ASN A 420 10.18 9.96 3.90
CA ASN A 420 11.22 10.04 2.88
C ASN A 420 10.95 11.15 1.88
N ALA A 421 12.00 11.62 1.22
CA ALA A 421 11.87 12.60 0.14
C ALA A 421 11.13 11.98 -1.06
N ASP A 422 10.58 12.83 -1.92
CA ASP A 422 9.65 12.39 -2.96
C ASP A 422 10.33 11.60 -4.06
N SER A 423 10.41 10.29 -3.89
CA SER A 423 11.10 9.42 -4.86
C SER A 423 10.11 8.88 -5.92
N GLN A 424 10.39 7.66 -6.42
CA GLN A 424 9.47 6.88 -7.28
C GLN A 424 9.84 5.40 -7.21
N GLY A 426 8.60 5.50 -4.28
CA GLY A 426 8.84 5.31 -2.85
C GLY A 426 7.61 5.71 -2.04
N LYS A 427 7.47 5.14 -0.85
CA LYS A 427 6.29 5.35 -0.01
C LYS A 427 6.52 6.43 1.06
N ASP A 428 5.56 6.62 1.96
CA ASP A 428 5.74 7.51 3.12
C ASP A 428 6.49 8.82 2.84
N ASN A 429 5.93 9.63 1.96
CA ASN A 429 6.59 10.80 1.43
C ASN A 429 5.58 11.92 1.18
N PRO A 430 6.02 13.08 0.63
CA PRO A 430 5.07 14.15 0.31
C PRO A 430 3.90 13.84 -0.61
N THR A 431 4.07 13.10 -1.71
CA THR A 431 2.90 12.81 -2.58
C THR A 431 1.93 11.88 -1.83
N THR A 432 2.52 10.88 -1.17
CA THR A 432 1.75 9.95 -0.38
C THR A 432 0.86 10.71 0.60
N ALA A 433 1.49 11.58 1.39
CA ALA A 433 0.84 12.28 2.46
C ALA A 433 -0.24 13.15 1.85
N ARG A 434 0.17 13.94 0.86
CA ARG A 434 -0.75 14.78 0.13
C ARG A 434 -1.97 13.99 -0.32
N HIS A 435 -1.78 12.89 -1.04
CA HIS A 435 -2.92 12.06 -1.50
C HIS A 435 -3.83 11.59 -0.38
N ALA A 436 -3.23 11.13 0.73
CA ALA A 436 -4.00 10.57 1.85
C ALA A 436 -4.97 11.60 2.41
N LEU A 437 -4.52 12.84 2.53
CA LEU A 437 -5.37 13.89 3.05
C LEU A 437 -6.44 14.26 2.05
N SER A 439 -7.70 12.29 -0.27
CA SER A 439 -8.64 11.18 -0.42
C SER A 439 -9.58 11.17 0.75
N LEU A 440 -9.03 11.36 1.94
CA LEU A 440 -9.84 11.45 3.16
C LEU A 440 -10.93 12.50 2.99
N HIS A 441 -10.54 13.71 2.64
CA HIS A 441 -11.50 14.81 2.50
C HIS A 441 -12.48 14.62 1.34
N HIS A 442 -11.99 14.13 0.22
CA HIS A 442 -12.87 13.68 -0.85
C HIS A 442 -14.01 12.79 -0.30
N CYS A 443 -13.67 11.88 0.62
CA CYS A 443 -14.66 10.98 1.21
C CYS A 443 -15.58 11.72 2.14
N TRP A 444 -15.00 12.64 2.91
CA TRP A 444 -15.78 13.39 3.88
C TRP A 444 -16.94 14.04 3.16
N VAL A 445 -16.64 14.57 1.99
CA VAL A 445 -17.64 15.18 1.14
C VAL A 445 -18.69 14.16 0.71
N LEU A 446 -18.28 13.00 0.22
CA LEU A 446 -19.27 12.05 -0.31
C LEU A 446 -20.22 11.58 0.78
N ASN A 447 -19.65 11.32 1.96
CA ASN A 447 -20.40 10.89 3.15
C ASN A 447 -21.30 11.96 3.74
N ALA A 448 -21.11 13.21 3.34
CA ALA A 448 -22.02 14.27 3.74
C ALA A 448 -23.00 14.62 2.62
N GLY A 449 -23.19 13.71 1.66
CA GLY A 449 -24.13 13.93 0.56
C GLY A 449 -23.59 14.74 -0.61
N GLY A 450 -22.31 15.05 -0.58
CA GLY A 450 -21.69 15.78 -1.69
C GLY A 450 -21.47 14.90 -2.90
N HIS A 451 -21.30 15.57 -4.04
CA HIS A 451 -21.01 14.88 -5.29
C HIS A 451 -20.01 15.64 -6.15
N PHE A 452 -19.35 14.90 -7.05
CA PHE A 452 -18.24 15.40 -7.85
C PHE A 452 -18.49 15.19 -9.32
N ILE A 453 -17.91 16.09 -10.12
CA ILE A 453 -18.38 16.36 -11.46
C ILE A 453 -17.24 16.65 -12.41
N ASP A 454 -17.25 15.98 -13.56
CA ASP A 454 -16.32 16.24 -14.65
C ASP A 454 -16.55 17.62 -15.32
N GLU A 455 -15.82 17.90 -16.40
CA GLU A 455 -15.96 19.17 -17.14
C GLU A 455 -17.39 19.38 -17.66
N ASN A 456 -18.06 18.27 -18.02
CA ASN A 456 -19.41 18.28 -18.60
C ASN A 456 -20.58 18.20 -17.62
N GLY A 457 -20.36 17.81 -16.38
CA GLY A 457 -21.45 17.82 -15.37
C GLY A 457 -22.07 16.49 -14.94
N SER A 458 -21.67 15.38 -15.55
CA SER A 458 -22.13 14.06 -15.09
C SER A 458 -21.30 13.66 -13.87
N ARG A 459 -21.91 13.03 -12.87
CA ARG A 459 -21.18 12.79 -11.62
C ARG A 459 -20.25 11.60 -11.80
N LEU A 460 -19.10 11.69 -11.15
CA LEU A 460 -18.09 10.67 -11.32
C LEU A 460 -18.04 9.81 -10.05
N PRO A 461 -17.67 8.52 -10.24
CA PRO A 461 -17.81 7.51 -9.19
C PRO A 461 -17.05 7.81 -7.92
N ALA A 462 -17.47 7.19 -6.82
CA ALA A 462 -16.76 7.29 -5.56
C ALA A 462 -15.30 6.89 -5.71
N ILE A 463 -15.04 5.95 -6.61
CA ILE A 463 -13.69 5.51 -6.94
C ILE A 463 -13.47 5.69 -8.44
N PRO A 464 -12.61 6.63 -8.84
CA PRO A 464 -12.35 6.99 -10.23
C PRO A 464 -11.70 5.84 -11.02
N VAL A 489 -5.58 12.73 -12.79
CA VAL A 489 -5.02 12.48 -11.47
C VAL A 489 -6.12 12.18 -10.47
N PRO A 490 -5.80 12.16 -9.17
CA PRO A 490 -6.81 12.00 -8.10
C PRO A 490 -7.70 13.24 -7.92
N ILE A 491 -8.89 13.04 -7.37
CA ILE A 491 -9.80 14.16 -7.12
C ILE A 491 -9.28 15.00 -5.95
N GLN A 492 -8.84 16.22 -6.27
CA GLN A 492 -8.23 17.11 -5.29
C GLN A 492 -9.30 17.73 -4.38
N CYS A 493 -9.09 17.64 -3.08
CA CYS A 493 -10.08 18.13 -2.13
C CYS A 493 -9.44 18.44 -0.79
N GLU A 494 -9.56 19.66 -0.33
CA GLU A 494 -8.93 20.04 0.92
C GLU A 494 -9.92 20.78 1.76
N ILE A 495 -10.10 20.35 2.97
CA ILE A 495 -11.06 20.95 3.85
C ILE A 495 -10.29 21.41 5.04
N SER A 496 -10.52 22.65 5.42
CA SER A 496 -9.77 23.25 6.52
C SER A 496 -10.23 22.60 7.81
N PRO A 497 -9.28 22.19 8.67
CA PRO A 497 -9.64 21.78 10.03
C PRO A 497 -10.63 22.75 10.67
N LEU A 498 -10.48 24.03 10.36
CA LEU A 498 -11.42 25.03 10.83
C LEU A 498 -12.84 24.66 10.48
N ILE A 499 -13.07 24.17 9.27
CA ILE A 499 -14.40 23.73 8.86
C ILE A 499 -14.73 22.36 9.45
N SER A 500 -13.80 21.42 9.38
CA SER A 500 -14.07 20.06 9.81
C SER A 500 -12.85 19.30 10.33
N TYR A 501 -12.95 18.84 11.57
CA TYR A 501 -11.90 18.08 12.21
C TYR A 501 -11.79 16.66 11.67
N ALA A 502 -12.91 15.92 11.71
CA ALA A 502 -12.97 14.52 11.26
C ALA A 502 -14.16 14.24 10.36
N GLY A 503 -14.67 15.25 9.64
CA GLY A 503 -15.71 15.02 8.62
C GLY A 503 -17.11 15.46 9.03
N GLU A 504 -17.22 15.99 10.24
CA GLU A 504 -18.45 16.57 10.72
C GLU A 504 -18.62 18.01 10.19
N GLY A 505 -19.85 18.54 10.28
CA GLY A 505 -20.18 19.93 9.90
C GLY A 505 -20.15 20.28 8.42
N LEU A 506 -20.15 19.26 7.56
CA LEU A 506 -20.03 19.48 6.13
C LEU A 506 -21.37 19.58 5.49
N GLU A 507 -22.40 19.06 6.16
CA GLU A 507 -23.75 19.02 5.59
C GLU A 507 -24.21 20.43 5.24
N GLY A 508 -23.84 21.38 6.08
CA GLY A 508 -24.05 22.80 5.82
C GLY A 508 -23.63 23.16 4.41
N TYR A 509 -22.47 22.66 4.00
CA TYR A 509 -21.82 23.12 2.79
C TYR A 509 -21.99 22.26 1.54
N VAL A 510 -22.32 20.97 1.67
CA VAL A 510 -22.21 20.03 0.52
C VAL A 510 -23.34 19.05 0.26
N ALA A 511 -24.30 18.93 1.17
CA ALA A 511 -25.37 17.92 1.04
C ALA A 511 -26.26 18.13 -0.20
N ASP A 512 -26.49 17.07 -0.98
CA ASP A 512 -27.27 17.12 -2.23
C ASP A 512 -26.78 18.22 -3.20
N LYS A 513 -25.46 18.45 -3.19
CA LYS A 513 -24.80 19.50 -3.99
C LYS A 513 -23.62 18.91 -4.77
N GLU A 514 -23.39 19.47 -5.96
CA GLU A 514 -22.50 18.89 -6.97
C GLU A 514 -21.33 19.79 -7.27
N PHE A 515 -20.12 19.28 -7.11
CA PHE A 515 -18.93 20.11 -7.19
C PHE A 515 -17.95 19.71 -8.27
N HIS A 516 -17.04 20.62 -8.59
CA HIS A 516 -16.02 20.40 -9.59
C HIS A 516 -14.68 20.71 -8.95
N ALA A 517 -13.80 19.70 -8.92
CA ALA A 517 -12.50 19.78 -8.24
C ALA A 517 -11.43 20.28 -9.21
N PRO A 518 -10.32 20.82 -8.69
CA PRO A 518 -9.97 20.99 -7.28
C PRO A 518 -11.00 21.75 -6.47
N LEU A 519 -11.10 21.41 -5.20
CA LEU A 519 -12.17 21.87 -4.37
C LEU A 519 -11.66 22.15 -2.98
N ILE A 520 -11.72 23.41 -2.57
CA ILE A 520 -11.34 23.81 -1.23
C ILE A 520 -12.55 24.34 -0.49
N ILE A 521 -12.71 23.91 0.75
CA ILE A 521 -13.74 24.45 1.62
C ILE A 521 -13.03 25.06 2.82
N ASP A 522 -13.45 26.25 3.18
CA ASP A 522 -12.55 27.17 3.80
C ASP A 522 -13.32 28.17 4.63
N GLU A 523 -12.70 28.65 5.72
CA GLU A 523 -13.25 29.74 6.54
C GLU A 523 -14.17 30.68 5.72
N ASN A 524 -13.74 31.02 4.50
CA ASN A 524 -14.48 31.89 3.60
C ASN A 524 -15.13 31.12 2.42
N GLY A 525 -15.82 30.03 2.73
CA GLY A 525 -16.70 29.34 1.75
C GLY A 525 -16.07 28.19 0.97
N VAL A 526 -16.87 27.55 0.13
CA VAL A 526 -16.36 26.61 -0.88
C VAL A 526 -15.77 27.36 -2.06
N HIS A 527 -14.74 26.79 -2.65
CA HIS A 527 -14.11 27.33 -3.84
C HIS A 527 -13.83 26.16 -4.78
N GLU A 528 -14.19 26.31 -6.05
CA GLU A 528 -13.72 25.37 -7.06
C GLU A 528 -12.50 26.02 -7.74
N LEU A 529 -11.30 25.54 -7.41
CA LEU A 529 -10.05 26.16 -7.87
C LEU A 529 -9.71 25.82 -9.33
N ASN B 14 -18.27 -6.83 -56.05
CA ASN B 14 -17.75 -6.87 -54.64
C ASN B 14 -18.20 -5.65 -53.81
N VAL B 15 -18.14 -4.47 -54.40
CA VAL B 15 -18.49 -3.23 -53.72
C VAL B 15 -19.99 -2.99 -53.71
N ASN B 16 -20.70 -3.39 -54.77
CA ASN B 16 -22.15 -3.34 -54.78
C ASN B 16 -22.81 -4.49 -54.00
N ASP B 17 -21.99 -5.31 -53.35
CA ASP B 17 -22.50 -6.29 -52.40
C ASP B 17 -22.29 -5.78 -51.00
N LEU B 18 -21.22 -5.02 -50.80
CA LEU B 18 -21.00 -4.28 -49.56
C LEU B 18 -22.04 -3.17 -49.41
N LYS B 19 -22.23 -2.39 -50.48
CA LYS B 19 -23.21 -1.32 -50.50
C LYS B 19 -24.53 -1.88 -49.99
N GLN B 20 -25.01 -2.91 -50.69
CA GLN B 20 -26.30 -3.52 -50.40
C GLN B 20 -26.42 -3.86 -48.90
N ARG B 21 -25.35 -4.42 -48.35
CA ARG B 21 -25.29 -4.84 -46.96
C ARG B 21 -25.24 -3.66 -45.99
N LEU B 22 -24.54 -2.60 -46.34
CA LEU B 22 -24.49 -1.39 -45.52
C LEU B 22 -25.84 -0.72 -45.47
N SER B 23 -26.53 -0.79 -46.61
CA SER B 23 -27.83 -0.17 -46.75
C SER B 23 -28.80 -0.95 -45.92
N GLN B 24 -28.82 -2.26 -46.11
CA GLN B 24 -29.66 -3.11 -45.28
C GLN B 24 -29.45 -2.77 -43.79
N ALA B 25 -28.22 -2.46 -43.39
CA ALA B 25 -27.94 -2.16 -41.98
C ALA B 25 -28.11 -0.69 -41.57
N GLY B 26 -28.40 0.17 -42.54
CA GLY B 26 -28.53 1.58 -42.26
C GLY B 26 -27.19 2.19 -41.89
N GLN B 27 -26.12 1.70 -42.51
CA GLN B 27 -24.79 2.22 -42.28
C GLN B 27 -24.12 2.72 -43.58
N GLU B 28 -24.91 3.33 -44.46
CA GLU B 28 -24.43 3.74 -45.79
C GLU B 28 -23.21 4.67 -45.72
N HIS B 29 -23.16 5.45 -44.64
CA HIS B 29 -22.22 6.56 -44.49
C HIS B 29 -20.80 6.13 -44.28
N LEU B 30 -20.57 4.83 -44.11
CA LEU B 30 -19.22 4.33 -43.92
C LEU B 30 -18.41 4.47 -45.22
N LEU B 31 -19.11 4.62 -46.34
CA LEU B 31 -18.47 4.92 -47.60
C LEU B 31 -18.58 6.40 -47.92
N GLN B 32 -18.91 7.21 -46.92
CA GLN B 32 -18.88 8.67 -47.06
C GLN B 32 -17.80 9.14 -48.02
N PHE B 33 -16.59 8.72 -47.73
CA PHE B 33 -15.45 9.28 -48.41
C PHE B 33 -14.89 8.38 -49.50
N TRP B 34 -15.65 7.36 -49.92
CA TRP B 34 -15.19 6.42 -50.95
C TRP B 34 -14.58 7.06 -52.21
N ASN B 35 -15.28 8.07 -52.74
CA ASN B 35 -14.88 8.74 -53.96
C ASN B 35 -13.75 9.72 -53.77
N GLU B 36 -13.17 9.78 -52.58
CA GLU B 36 -12.00 10.60 -52.31
C GLU B 36 -10.76 9.75 -52.04
N LEU B 37 -10.91 8.42 -52.10
CA LEU B 37 -9.84 7.52 -51.70
C LEU B 37 -9.04 7.08 -52.90
N SER B 38 -7.74 6.89 -52.68
CA SER B 38 -6.87 6.17 -53.61
C SER B 38 -7.33 4.71 -53.69
N GLU B 39 -7.33 4.15 -54.90
CA GLU B 39 -7.68 2.73 -55.12
C GLU B 39 -7.15 1.83 -54.01
N ALA B 40 -5.92 2.09 -53.57
CA ALA B 40 -5.32 1.33 -52.50
C ALA B 40 -5.98 1.58 -51.14
N GLN B 41 -6.28 2.83 -50.84
CA GLN B 41 -6.97 3.19 -49.56
C GLN B 41 -8.37 2.58 -49.47
N GLN B 42 -9.08 2.54 -50.61
CA GLN B 42 -10.44 2.05 -50.63
C GLN B 42 -10.53 0.52 -50.56
N GLU B 44 -8.39 -1.04 -48.92
CA GLU B 44 -7.91 -1.24 -47.55
C GLU B 44 -9.07 -1.10 -46.57
N LEU B 45 -9.99 -0.17 -46.88
CA LEU B 45 -11.20 0.04 -46.09
C LEU B 45 -12.22 -1.07 -46.37
N TYR B 46 -12.35 -1.43 -47.65
CA TYR B 46 -13.21 -2.54 -48.11
C TYR B 46 -12.97 -3.79 -47.32
N GLU B 48 -11.72 -4.12 -44.27
CA GLU B 48 -12.21 -3.95 -42.90
C GLU B 48 -13.72 -4.18 -42.78
N LEU B 49 -14.45 -3.57 -43.70
CA LEU B 49 -15.90 -3.65 -43.69
C LEU B 49 -16.41 -5.04 -44.08
N GLN B 50 -15.90 -5.61 -45.19
CA GLN B 50 -16.33 -6.96 -45.67
C GLN B 50 -16.24 -8.04 -44.57
N ALA B 51 -15.33 -7.82 -43.63
CA ALA B 51 -15.15 -8.68 -42.47
C ALA B 51 -16.26 -8.53 -41.44
N ASN B 53 -19.83 -8.08 -39.47
CA ASN B 53 -21.22 -8.41 -39.70
C ASN B 53 -22.18 -7.32 -39.21
N PHE B 54 -22.77 -6.62 -40.16
CA PHE B 54 -23.53 -5.45 -39.84
C PHE B 54 -24.88 -5.75 -39.21
N GLU B 55 -25.59 -6.73 -39.73
CA GLU B 55 -26.83 -7.19 -39.11
C GLU B 55 -26.62 -7.50 -37.62
N GLU B 56 -25.52 -8.14 -37.27
CA GLU B 56 -25.29 -8.56 -35.91
C GLU B 56 -24.94 -7.41 -34.99
N LEU B 57 -24.19 -6.46 -35.53
CA LEU B 57 -23.74 -5.32 -34.76
C LEU B 57 -24.90 -4.42 -34.43
N ASN B 58 -25.84 -4.32 -35.36
CA ASN B 58 -27.08 -3.63 -35.07
C ASN B 58 -27.82 -4.29 -33.92
N SER B 59 -27.96 -5.62 -33.97
CA SER B 59 -28.55 -6.36 -32.83
C SER B 59 -27.80 -6.14 -31.52
N PHE B 60 -26.48 -6.24 -31.56
CA PHE B 60 -25.69 -6.02 -30.35
C PHE B 60 -26.05 -4.68 -29.76
N PHE B 61 -26.05 -3.68 -30.62
CA PHE B 61 -26.30 -2.31 -30.19
C PHE B 61 -27.72 -2.15 -29.67
N ARG B 62 -28.67 -2.65 -30.43
CA ARG B 62 -30.08 -2.60 -30.06
C ARG B 62 -30.26 -3.17 -28.64
N LYS B 63 -29.77 -4.37 -28.42
CA LYS B 63 -29.99 -5.04 -27.13
C LYS B 63 -29.22 -4.36 -25.97
N ALA B 64 -28.01 -3.90 -26.25
CA ALA B 64 -27.16 -3.25 -25.26
C ALA B 64 -27.68 -1.88 -24.81
N ILE B 65 -28.26 -1.13 -25.73
CA ILE B 65 -28.85 0.18 -25.41
C ILE B 65 -30.11 0.01 -24.59
N GLY B 66 -30.88 -1.03 -24.91
CA GLY B 66 -32.06 -1.37 -24.13
C GLY B 66 -31.73 -1.98 -22.78
N GLU B 67 -30.64 -1.50 -22.17
CA GLU B 67 -30.22 -1.94 -20.84
C GLU B 67 -29.52 -0.79 -20.16
N PHE B 68 -28.61 -0.15 -20.89
CA PHE B 68 -28.05 1.16 -20.52
C PHE B 68 -29.12 2.25 -20.55
N ASP B 69 -30.30 1.90 -21.08
CA ASP B 69 -31.52 2.67 -20.83
C ASP B 69 -32.66 1.66 -20.64
N ARG B 70 -32.58 0.90 -19.54
CA ARG B 70 -33.65 -0.02 -19.12
C ARG B 70 -33.44 -0.37 -17.65
N SER B 71 -32.33 -1.05 -17.33
CA SER B 71 -31.87 -1.18 -15.94
C SER B 71 -31.44 0.18 -15.37
N SER B 72 -31.35 1.18 -16.25
CA SER B 72 -31.15 2.59 -15.85
C SER B 72 -32.39 3.26 -15.22
N HIS B 73 -33.54 2.59 -15.27
CA HIS B 73 -34.68 2.95 -14.43
C HIS B 73 -34.87 1.90 -13.30
N GLN B 74 -33.76 1.34 -12.82
CA GLN B 74 -33.78 0.39 -11.70
C GLN B 74 -32.77 0.77 -10.61
N GLU B 75 -32.85 0.04 -9.48
CA GLU B 75 -31.99 0.24 -8.31
C GLU B 75 -30.54 0.27 -8.70
N LYS B 76 -29.83 1.22 -8.10
CA LYS B 76 -28.38 1.17 -8.10
C LYS B 76 -27.97 -0.24 -7.60
N VAL B 77 -27.02 -0.85 -8.29
CA VAL B 77 -26.48 -2.13 -7.87
C VAL B 77 -26.24 -2.23 -6.34
N ASP B 78 -25.79 -1.15 -5.71
CA ASP B 78 -25.46 -1.16 -4.28
C ASP B 78 -26.43 -1.98 -3.43
N ALA B 79 -27.73 -1.76 -3.58
CA ALA B 79 -28.70 -2.47 -2.73
C ALA B 79 -28.94 -3.93 -3.14
N ARG B 80 -28.53 -4.33 -4.34
CA ARG B 80 -28.72 -5.69 -4.79
C ARG B 80 -27.56 -6.62 -4.42
N GLU B 82 -24.61 -8.72 -2.29
CA GLU B 82 -24.47 -9.63 -1.19
C GLU B 82 -23.03 -10.14 -1.20
N PRO B 83 -22.43 -10.29 -0.02
CA PRO B 83 -21.06 -10.78 0.02
C PRO B 83 -20.93 -12.25 -0.29
N VAL B 84 -19.74 -12.66 -0.69
CA VAL B 84 -19.44 -14.05 -0.86
C VAL B 84 -19.85 -14.81 0.39
N PRO B 85 -20.60 -15.92 0.21
CA PRO B 85 -20.87 -16.81 1.34
C PRO B 85 -19.64 -17.60 1.83
N ARG B 86 -19.44 -17.59 3.15
CA ARG B 86 -18.43 -18.42 3.78
C ARG B 86 -18.31 -19.79 3.09
N GLN B 87 -19.45 -20.45 2.85
CA GLN B 87 -19.49 -21.83 2.39
C GLN B 87 -18.76 -22.06 1.08
N VAL B 88 -18.50 -20.99 0.35
CA VAL B 88 -17.99 -21.07 -1.02
C VAL B 88 -16.47 -20.83 -1.12
N LEU B 89 -15.88 -20.20 -0.12
CA LEU B 89 -14.52 -19.73 -0.26
C LEU B 89 -13.50 -20.57 0.52
N GLY B 90 -12.35 -20.79 -0.09
CA GLY B 90 -11.24 -21.47 0.54
C GLY B 90 -10.18 -20.41 0.71
N SER B 91 -9.28 -20.62 1.67
CA SER B 91 -8.27 -19.63 1.98
C SER B 91 -6.89 -20.27 2.02
N ALA B 92 -5.95 -19.73 1.23
CA ALA B 92 -4.55 -20.13 1.36
C ALA B 92 -4.07 -20.03 2.83
N THR B 93 -4.50 -19.00 3.54
CA THR B 93 -4.11 -18.82 4.95
C THR B 93 -4.89 -19.76 5.90
N ARG B 94 -6.21 -19.55 5.98
CA ARG B 94 -7.03 -20.24 6.98
C ARG B 94 -7.36 -21.69 6.64
N ASP B 95 -6.74 -22.26 5.60
CA ASP B 95 -6.85 -23.70 5.31
C ASP B 95 -5.45 -24.37 5.19
N GLN B 96 -4.74 -24.43 6.32
CA GLN B 96 -3.45 -25.15 6.41
C GLN B 96 -3.44 -26.60 5.99
N GLU B 97 -2.24 -27.09 5.64
CA GLU B 97 -1.99 -28.52 5.25
C GLU B 97 -3.31 -29.17 4.91
N GLN B 98 -3.88 -28.54 3.91
CA GLN B 98 -4.95 -29.00 3.14
C GLN B 98 -4.37 -28.57 1.79
N LEU B 99 -3.60 -27.47 1.87
CA LEU B 99 -2.71 -27.01 0.83
C LEU B 99 -1.87 -28.11 0.24
N GLN B 100 -1.37 -29.00 1.08
CA GLN B 100 -0.61 -30.12 0.58
C GLN B 100 -1.46 -30.98 -0.38
N ALA B 101 -2.64 -31.36 0.11
CA ALA B 101 -3.54 -32.24 -0.65
C ALA B 101 -3.91 -31.61 -1.96
N TRP B 102 -4.11 -30.31 -1.91
CA TRP B 102 -4.50 -29.58 -3.09
C TRP B 102 -3.33 -29.44 -4.04
N GLU B 103 -2.18 -29.04 -3.51
CA GLU B 103 -0.97 -29.05 -4.36
C GLU B 103 -0.81 -30.40 -5.10
N SER B 104 -1.00 -31.51 -4.40
CA SER B 104 -0.76 -32.83 -4.98
C SER B 104 -1.76 -33.07 -6.06
N GLU B 105 -3.02 -32.79 -5.75
CA GLU B 105 -4.06 -32.92 -6.73
C GLU B 105 -3.75 -32.07 -7.95
N GLY B 106 -3.27 -30.86 -7.75
CA GLY B 106 -2.86 -30.00 -8.87
C GLY B 106 -1.74 -30.58 -9.72
N LEU B 107 -0.69 -31.10 -9.06
CA LEU B 107 0.42 -31.70 -9.81
C LEU B 107 0.05 -33.05 -10.48
N SER B 108 -0.91 -33.78 -9.91
CA SER B 108 -1.36 -35.01 -10.49
C SER B 108 -2.07 -34.70 -11.80
N GLN B 109 -2.72 -33.55 -11.83
CA GLN B 109 -3.58 -33.22 -12.91
C GLN B 109 -2.70 -32.80 -14.06
N ILE B 110 -1.79 -31.87 -13.74
CA ILE B 110 -0.76 -31.42 -14.67
C ILE B 110 -0.03 -32.65 -15.21
N SER B 111 0.50 -33.45 -14.30
CA SER B 111 1.18 -34.69 -14.64
C SER B 111 0.47 -35.59 -15.66
N GLN B 112 -0.86 -35.59 -15.65
CA GLN B 112 -1.60 -36.49 -16.52
C GLN B 112 -1.95 -35.81 -17.82
N ASN B 113 -1.31 -34.67 -18.09
CA ASN B 113 -1.60 -33.82 -19.26
C ASN B 113 -3.05 -33.30 -19.34
N LYS B 114 -3.63 -33.01 -18.17
CA LYS B 114 -5.05 -32.66 -18.08
C LYS B 114 -5.29 -31.20 -17.72
N VAL B 115 -4.23 -30.40 -17.67
CA VAL B 115 -4.32 -28.98 -17.40
C VAL B 115 -3.71 -28.15 -18.51
N ALA B 116 -4.30 -26.98 -18.76
CA ALA B 116 -3.79 -26.02 -19.73
C ALA B 116 -4.02 -24.64 -19.19
N VAL B 117 -3.19 -23.69 -19.63
CA VAL B 117 -3.30 -22.28 -19.24
C VAL B 117 -3.74 -21.45 -20.41
N LEU B 118 -4.54 -20.43 -20.10
CA LEU B 118 -5.13 -19.55 -21.12
C LEU B 118 -4.83 -18.13 -20.69
N LEU B 119 -4.02 -17.46 -21.50
CA LEU B 119 -3.46 -16.17 -21.13
C LEU B 119 -4.13 -15.05 -21.91
N LEU B 120 -4.68 -14.08 -21.17
CA LEU B 120 -5.14 -12.84 -21.76
C LEU B 120 -3.96 -11.87 -21.88
N ALA B 121 -3.24 -11.99 -22.99
CA ALA B 121 -2.16 -11.08 -23.30
C ALA B 121 -2.92 -9.90 -23.77
N GLY B 122 -2.37 -8.72 -23.70
CA GLY B 122 -3.23 -7.60 -24.07
C GLY B 122 -3.16 -7.31 -25.55
N GLY B 123 -2.89 -6.04 -25.82
CA GLY B 123 -2.39 -5.58 -27.08
C GLY B 123 -1.17 -4.79 -26.69
N GLN B 124 -1.00 -3.65 -27.34
CA GLN B 124 0.17 -2.81 -27.12
C GLN B 124 0.17 -2.19 -25.75
N GLY B 125 1.37 -1.90 -25.26
CA GLY B 125 1.56 -1.28 -23.96
C GLY B 125 1.38 0.21 -24.13
N THR B 126 0.16 0.59 -24.50
CA THR B 126 -0.14 1.98 -24.76
C THR B 126 -0.20 2.74 -23.42
N ARG B 127 -0.98 2.27 -22.44
CA ARG B 127 -1.02 2.92 -21.12
C ARG B 127 0.41 3.03 -20.56
N LEU B 128 1.29 2.15 -21.06
CA LEU B 128 2.67 2.06 -20.61
C LEU B 128 3.60 3.01 -21.32
N GLY B 129 3.17 3.54 -22.46
CA GLY B 129 3.97 4.46 -23.24
C GLY B 129 4.82 3.74 -24.25
N VAL B 130 4.39 2.58 -24.68
CA VAL B 130 5.26 1.66 -25.36
C VAL B 130 4.51 1.04 -26.51
N SER B 131 5.25 0.63 -27.53
CA SER B 131 4.62 0.14 -28.75
C SER B 131 4.49 -1.35 -28.76
N TYR B 132 5.42 -2.03 -28.09
CA TYR B 132 5.39 -3.50 -27.98
C TYR B 132 4.34 -3.98 -26.98
N PRO B 133 3.80 -5.20 -27.20
CA PRO B 133 2.80 -5.64 -26.25
C PRO B 133 3.41 -5.84 -24.88
N LYS B 134 2.56 -5.67 -23.88
CA LYS B 134 2.92 -5.77 -22.48
C LYS B 134 3.26 -7.19 -22.21
N GLY B 135 4.25 -7.44 -21.39
CA GLY B 135 4.64 -8.85 -21.31
C GLY B 135 5.79 -9.23 -22.21
N TYR B 137 7.36 -6.44 -21.89
CA TYR B 137 7.92 -5.47 -20.96
C TYR B 137 8.94 -6.08 -20.00
N ASP B 138 10.08 -5.41 -19.85
CA ASP B 138 11.08 -5.73 -18.87
C ASP B 138 11.01 -4.67 -17.78
N VAL B 139 10.57 -5.06 -16.57
CA VAL B 139 10.45 -4.10 -15.46
C VAL B 139 11.73 -3.78 -14.73
N GLY B 140 12.83 -4.33 -15.21
CA GLY B 140 14.15 -4.03 -14.65
C GLY B 140 14.60 -4.91 -13.51
N LEU B 141 14.01 -6.09 -13.42
CA LEU B 141 14.62 -7.16 -12.67
C LEU B 141 16.09 -7.36 -13.01
N PRO B 142 16.91 -7.75 -12.03
CA PRO B 142 18.33 -8.01 -12.33
C PRO B 142 18.54 -8.98 -13.47
N SER B 143 17.65 -9.95 -13.64
CA SER B 143 17.74 -10.86 -14.77
C SER B 143 17.21 -10.21 -16.02
N HIS B 144 16.39 -9.16 -15.86
CA HIS B 144 15.75 -8.45 -16.94
C HIS B 144 14.87 -9.35 -17.81
N LYS B 145 14.31 -10.43 -17.29
CA LYS B 145 13.43 -11.24 -18.10
C LYS B 145 12.09 -10.53 -18.22
N THR B 146 11.48 -10.63 -19.41
CA THR B 146 10.13 -10.15 -19.64
C THR B 146 9.10 -11.00 -18.91
N LEU B 147 7.86 -10.50 -18.87
CA LEU B 147 6.78 -11.19 -18.21
C LEU B 147 6.54 -12.48 -18.95
N PHE B 148 6.57 -12.47 -20.29
CA PHE B 148 6.38 -13.70 -21.04
C PHE B 148 7.34 -14.74 -20.56
N GLN B 149 8.62 -14.40 -20.57
CA GLN B 149 9.64 -15.36 -20.15
C GLN B 149 9.41 -15.81 -18.68
N ILE B 150 9.20 -14.90 -17.74
CA ILE B 150 8.89 -15.39 -16.37
C ILE B 150 7.75 -16.44 -16.38
N GLN B 151 6.72 -16.20 -17.17
CA GLN B 151 5.54 -17.06 -17.17
C GLN B 151 5.85 -18.38 -17.89
N ALA B 152 6.60 -18.31 -18.99
CA ALA B 152 7.05 -19.55 -19.64
C ALA B 152 7.79 -20.43 -18.64
N GLU B 153 8.60 -19.80 -17.80
CA GLU B 153 9.51 -20.58 -17.00
C GLU B 153 8.72 -21.22 -15.89
N ARG B 154 7.62 -20.59 -15.51
CA ARG B 154 6.70 -21.15 -14.51
C ARG B 154 5.99 -22.38 -15.05
N ILE B 155 5.46 -22.27 -16.25
CA ILE B 155 4.88 -23.45 -16.87
C ILE B 155 5.92 -24.57 -16.78
N LEU B 156 7.09 -24.28 -17.33
CA LEU B 156 8.16 -25.27 -17.44
C LEU B 156 8.59 -25.85 -16.10
N LYS B 157 8.76 -24.99 -15.10
CA LYS B 157 9.03 -25.47 -13.73
C LYS B 157 8.02 -26.53 -13.27
N LEU B 158 6.71 -26.24 -13.41
CA LEU B 158 5.67 -27.17 -12.98
C LEU B 158 5.67 -28.46 -13.77
N GLN B 159 5.94 -28.43 -15.06
CA GLN B 159 6.14 -29.69 -15.78
C GLN B 159 7.34 -30.47 -15.24
N GLN B 160 8.35 -29.78 -14.72
CA GLN B 160 9.46 -30.48 -13.99
C GLN B 160 8.96 -31.02 -12.63
N LEU B 161 8.31 -30.19 -11.81
CA LEU B 161 7.83 -30.62 -10.46
C LEU B 161 6.74 -31.71 -10.49
N ALA B 162 5.98 -31.76 -11.57
CA ALA B 162 4.97 -32.79 -11.78
C ALA B 162 5.66 -34.10 -12.13
N GLU B 163 6.55 -34.08 -13.12
CA GLU B 163 7.37 -35.25 -13.41
C GLU B 163 8.14 -35.75 -12.17
N LYS B 164 8.59 -34.84 -11.29
CA LYS B 164 9.30 -35.25 -10.08
C LYS B 164 8.38 -36.02 -9.13
N HIS B 165 7.13 -35.60 -8.98
CA HIS B 165 6.25 -36.19 -7.96
C HIS B 165 5.36 -37.32 -8.53
N HIS B 166 5.42 -37.55 -9.84
CA HIS B 166 4.59 -38.58 -10.52
C HIS B 166 5.36 -39.36 -11.59
N GLY B 167 6.62 -39.02 -11.84
CA GLY B 167 7.48 -39.84 -12.70
C GLY B 167 7.15 -39.80 -14.17
N ASN B 168 6.04 -39.15 -14.55
CA ASN B 168 5.56 -39.05 -15.93
C ASN B 168 5.93 -37.69 -16.52
N LYS B 169 6.44 -37.68 -17.74
CA LYS B 169 6.76 -36.46 -18.47
C LYS B 169 5.46 -35.81 -18.94
N CYS B 170 5.34 -34.48 -18.85
CA CYS B 170 4.05 -33.82 -19.09
C CYS B 170 4.12 -32.40 -19.63
N THR B 171 3.02 -31.91 -20.15
CA THR B 171 2.98 -30.56 -20.71
C THR B 171 1.74 -29.77 -20.28
N ILE B 172 1.87 -28.46 -20.16
CA ILE B 172 0.74 -27.55 -19.96
C ILE B 172 0.66 -26.81 -21.25
N PRO B 173 -0.30 -27.14 -22.14
CA PRO B 173 -0.34 -26.28 -23.33
C PRO B 173 -0.75 -24.86 -22.98
N TRP B 174 -0.23 -23.92 -23.77
CA TRP B 174 -0.28 -22.51 -23.46
C TRP B 174 -1.07 -21.84 -24.53
N TYR B 175 -2.34 -21.57 -24.28
CA TYR B 175 -3.12 -20.76 -25.16
C TYR B 175 -2.97 -19.28 -24.78
N ILE B 176 -2.63 -18.45 -25.78
CA ILE B 176 -2.35 -17.03 -25.61
C ILE B 176 -3.23 -16.23 -26.53
N THR B 178 -4.32 -12.62 -28.11
CA THR B 178 -3.67 -11.36 -28.39
C THR B 178 -4.45 -10.53 -29.38
N SER B 179 -4.28 -9.22 -29.32
CA SER B 179 -4.89 -8.35 -30.32
C SER B 179 -4.23 -8.61 -31.71
N GLY B 180 -4.98 -8.42 -32.78
CA GLY B 180 -4.48 -8.63 -34.16
C GLY B 180 -3.26 -7.81 -34.56
N ARG B 181 -3.15 -6.58 -34.03
CA ARG B 181 -1.91 -5.80 -34.13
C ARG B 181 -0.69 -6.67 -33.76
N THR B 182 -0.79 -7.32 -32.59
CA THR B 182 0.36 -7.84 -31.85
C THR B 182 0.69 -9.32 -32.07
N GLU B 184 1.89 -11.38 -35.05
CA GLU B 184 3.13 -11.83 -35.67
C GLU B 184 4.33 -11.46 -34.80
N SER B 185 4.27 -10.31 -34.13
CA SER B 185 5.39 -9.88 -33.25
C SER B 185 5.57 -10.79 -32.05
N THR B 186 4.47 -11.10 -31.39
CA THR B 186 4.47 -12.03 -30.25
C THR B 186 5.00 -13.40 -30.69
N LYS B 187 4.60 -13.83 -31.88
CA LYS B 187 5.11 -15.07 -32.47
C LYS B 187 6.63 -15.04 -32.70
N GLU B 188 7.09 -13.97 -33.37
CA GLU B 188 8.52 -13.69 -33.62
C GLU B 188 9.26 -13.58 -32.29
N PHE B 189 8.73 -12.81 -31.35
CA PHE B 189 9.34 -12.74 -30.02
C PHE B 189 9.47 -14.16 -29.45
N PHE B 190 8.40 -14.93 -29.51
CA PHE B 190 8.46 -16.30 -28.97
C PHE B 190 9.42 -17.16 -29.76
N THR B 191 9.42 -17.03 -31.09
CA THR B 191 10.34 -17.82 -31.90
C THR B 191 11.81 -17.43 -31.62
N LYS B 192 12.10 -16.12 -31.55
CA LYS B 192 13.46 -15.64 -31.26
C LYS B 192 13.96 -16.22 -29.95
N HIS B 193 13.10 -16.35 -28.95
CA HIS B 193 13.55 -16.91 -27.66
C HIS B 193 13.50 -18.47 -27.54
N LYS B 194 13.20 -19.16 -28.65
CA LYS B 194 13.10 -20.65 -28.66
C LYS B 194 12.04 -21.09 -27.63
N PHE B 195 10.92 -20.36 -27.66
CA PHE B 195 9.81 -20.50 -26.71
C PHE B 195 10.23 -20.60 -25.26
N PHE B 196 11.38 -20.03 -24.94
CA PHE B 196 11.92 -20.12 -23.57
C PHE B 196 12.05 -21.52 -23.04
N GLY B 197 12.18 -22.48 -23.96
CA GLY B 197 12.42 -23.88 -23.62
C GLY B 197 11.21 -24.78 -23.72
N LEU B 198 10.04 -24.21 -23.91
CA LEU B 198 8.86 -25.01 -24.19
C LEU B 198 8.93 -25.39 -25.69
N LYS B 199 7.97 -26.17 -26.15
CA LYS B 199 7.95 -26.58 -27.54
C LYS B 199 6.92 -25.78 -28.35
N LYS B 200 7.31 -25.35 -29.55
CA LYS B 200 6.41 -24.61 -30.43
C LYS B 200 5.03 -25.27 -30.44
N GLU B 201 5.01 -26.58 -30.46
CA GLU B 201 3.77 -27.34 -30.50
C GLU B 201 2.81 -27.00 -29.39
N ASN B 202 3.31 -26.64 -28.22
CA ASN B 202 2.45 -26.45 -27.04
C ASN B 202 2.17 -24.96 -26.70
N VAL B 203 2.43 -24.10 -27.67
CA VAL B 203 2.07 -22.71 -27.55
C VAL B 203 1.15 -22.36 -28.71
N VAL B 204 -0.05 -21.90 -28.39
CA VAL B 204 -1.10 -21.72 -29.40
C VAL B 204 -1.59 -20.28 -29.35
N PHE B 205 -1.33 -19.55 -30.44
CA PHE B 205 -1.70 -18.12 -30.52
C PHE B 205 -3.02 -17.95 -31.26
N PHE B 206 -3.91 -17.18 -30.66
CA PHE B 206 -5.15 -16.78 -31.32
C PHE B 206 -5.53 -15.36 -30.92
N GLN B 207 -6.46 -14.83 -31.70
CA GLN B 207 -6.64 -13.41 -31.88
C GLN B 207 -7.97 -12.93 -31.34
N GLN B 208 -7.97 -11.81 -30.63
CA GLN B 208 -9.20 -11.22 -30.12
C GLN B 208 -10.02 -10.51 -31.20
N GLY B 209 -11.34 -10.52 -31.07
CA GLY B 209 -12.17 -9.81 -31.99
C GLY B 209 -12.29 -8.34 -31.60
N LEU B 211 -14.84 -4.63 -31.83
CA LEU B 211 -16.13 -3.96 -32.03
C LEU B 211 -15.91 -2.50 -32.40
N PRO B 212 -16.80 -1.92 -33.23
CA PRO B 212 -16.62 -0.52 -33.59
C PRO B 212 -17.25 0.34 -32.56
N ALA B 213 -16.73 1.55 -32.41
CA ALA B 213 -17.39 2.59 -31.65
C ALA B 213 -18.62 3.06 -32.41
N SER B 215 -22.33 5.59 -32.44
CA SER B 215 -23.00 6.77 -31.99
C SER B 215 -24.13 6.32 -31.11
N PHE B 216 -24.65 7.25 -30.31
CA PHE B 216 -25.81 6.97 -29.48
C PHE B 216 -27.00 6.47 -30.27
N ASP B 217 -27.06 6.89 -31.53
CA ASP B 217 -28.15 6.49 -32.40
C ASP B 217 -27.84 5.19 -33.13
N GLY B 218 -26.64 4.64 -32.92
CA GLY B 218 -26.26 3.32 -33.44
C GLY B 218 -25.62 3.33 -34.83
N LYS B 219 -25.15 4.50 -35.25
CA LYS B 219 -24.35 4.65 -36.46
C LYS B 219 -22.88 4.36 -36.15
N ILE B 220 -22.30 3.45 -36.92
CA ILE B 220 -20.89 3.12 -36.82
C ILE B 220 -20.04 4.35 -37.20
N ILE B 221 -18.97 4.59 -36.47
CA ILE B 221 -18.21 5.81 -36.59
C ILE B 221 -16.90 5.60 -37.34
N LEU B 222 -16.58 6.51 -38.27
CA LEU B 222 -15.30 6.52 -39.00
C LEU B 222 -14.30 7.35 -38.27
N GLU B 223 -13.18 6.71 -37.97
CA GLU B 223 -12.03 7.36 -37.35
C GLU B 223 -11.32 8.21 -38.41
N GLU B 224 -11.26 7.67 -39.64
CA GLU B 224 -10.72 8.39 -40.79
C GLU B 224 -11.51 8.10 -42.01
N LYS B 225 -11.35 8.92 -43.02
CA LYS B 225 -11.98 8.66 -44.29
C LYS B 225 -11.98 7.18 -44.67
N ASN B 226 -11.02 6.41 -44.16
CA ASN B 226 -10.93 4.99 -44.50
C ASN B 226 -10.63 4.02 -43.35
N LYS B 227 -10.66 4.48 -42.10
CA LYS B 227 -10.59 3.58 -40.93
C LYS B 227 -11.82 3.75 -40.07
N VAL B 228 -12.50 2.63 -39.80
CA VAL B 228 -13.59 2.56 -38.83
C VAL B 228 -13.03 2.55 -37.44
N SER B 229 -13.67 3.27 -36.52
CA SER B 229 -13.19 3.42 -35.15
C SER B 229 -13.45 2.17 -34.32
N ALA B 231 -12.12 -1.06 -31.45
CA ALA B 231 -11.44 -1.39 -30.22
C ALA B 231 -11.76 -2.83 -29.86
N PRO B 232 -10.95 -3.41 -28.98
CA PRO B 232 -11.20 -4.79 -28.59
C PRO B 232 -12.56 -4.92 -27.95
N ASP B 233 -13.13 -6.12 -28.00
CA ASP B 233 -14.48 -6.37 -27.52
C ASP B 233 -14.52 -6.68 -26.02
N GLY B 234 -13.40 -6.49 -25.34
CA GLY B 234 -13.33 -6.71 -23.91
C GLY B 234 -12.72 -8.05 -23.64
N ASN B 235 -12.26 -8.21 -22.40
CA ASN B 235 -11.69 -9.46 -21.93
C ASN B 235 -12.63 -10.60 -22.16
N GLY B 236 -13.92 -10.31 -22.04
CA GLY B 236 -14.97 -11.30 -22.34
C GLY B 236 -15.14 -11.64 -23.82
N GLY B 237 -14.45 -10.91 -24.69
CA GLY B 237 -14.31 -11.35 -26.09
C GLY B 237 -13.54 -12.66 -26.14
N LEU B 238 -12.97 -13.05 -24.99
CA LEU B 238 -12.34 -14.34 -24.83
C LEU B 238 -13.15 -15.43 -25.52
N TYR B 239 -14.43 -15.53 -25.16
CA TYR B 239 -15.26 -16.67 -25.49
C TYR B 239 -15.59 -16.74 -26.98
N ARG B 240 -15.96 -15.60 -27.52
CA ARG B 240 -16.24 -15.53 -28.94
C ARG B 240 -14.99 -15.88 -29.73
N ALA B 241 -13.82 -15.52 -29.18
CA ALA B 241 -12.53 -15.76 -29.85
C ALA B 241 -12.18 -17.22 -29.81
N LEU B 242 -12.40 -17.82 -28.64
CA LEU B 242 -12.24 -19.28 -28.54
C LEU B 242 -13.07 -20.01 -29.65
N ALA B 243 -14.32 -19.62 -29.83
CA ALA B 243 -15.20 -20.28 -30.81
C ALA B 243 -14.68 -20.09 -32.21
N ALA B 244 -14.49 -18.83 -32.60
CA ALA B 244 -13.93 -18.46 -33.88
C ALA B 244 -12.68 -19.27 -34.29
N GLN B 245 -11.78 -19.48 -33.35
CA GLN B 245 -10.49 -20.13 -33.62
C GLN B 245 -10.48 -21.65 -33.27
N ASN B 246 -11.65 -22.20 -32.88
CA ASN B 246 -11.79 -23.62 -32.53
C ASN B 246 -10.84 -24.07 -31.42
N ILE B 247 -10.64 -23.19 -30.45
CA ILE B 247 -9.71 -23.46 -29.38
C ILE B 247 -10.16 -24.64 -28.54
N VAL B 248 -11.47 -24.80 -28.35
CA VAL B 248 -11.98 -25.87 -27.46
C VAL B 248 -11.79 -27.24 -28.07
N GLU B 249 -12.05 -27.37 -29.37
CA GLU B 249 -11.84 -28.63 -30.05
C GLU B 249 -10.40 -29.05 -29.81
N ASP B 250 -9.48 -28.08 -29.88
CA ASP B 250 -8.05 -28.33 -29.63
C ASP B 250 -7.82 -28.89 -28.27
N GLU B 252 -9.91 -30.38 -26.24
CA GLU B 252 -10.50 -31.70 -26.07
C GLU B 252 -9.62 -32.73 -26.72
N GLN B 253 -9.12 -32.46 -27.93
CA GLN B 253 -8.34 -33.48 -28.62
C GLN B 253 -6.98 -33.68 -27.97
N ARG B 254 -6.49 -32.66 -27.26
CA ARG B 254 -5.33 -32.83 -26.35
C ARG B 254 -5.72 -33.55 -25.07
N GLY B 255 -7.02 -33.72 -24.84
CA GLY B 255 -7.47 -34.43 -23.64
C GLY B 255 -7.38 -33.58 -22.39
N ILE B 256 -7.68 -32.30 -22.52
CA ILE B 256 -7.55 -31.37 -21.39
C ILE B 256 -8.82 -31.22 -20.53
N CYS B 257 -8.65 -31.17 -19.23
CA CYS B 257 -9.79 -31.09 -18.32
C CYS B 257 -9.99 -29.74 -17.73
N SER B 258 -8.92 -29.02 -17.47
CA SER B 258 -9.02 -27.78 -16.74
C SER B 258 -8.11 -26.74 -17.31
N ILE B 259 -8.60 -25.50 -17.27
CA ILE B 259 -7.94 -24.32 -17.76
C ILE B 259 -7.73 -23.30 -16.62
N HIS B 260 -6.49 -22.89 -16.42
CA HIS B 260 -6.24 -21.73 -15.62
C HIS B 260 -6.29 -20.50 -16.51
N VAL B 261 -7.11 -19.51 -16.14
CA VAL B 261 -7.21 -18.31 -16.94
C VAL B 261 -6.65 -17.16 -16.15
N TYR B 262 -5.77 -16.39 -16.78
CA TYR B 262 -5.13 -15.26 -16.13
C TYR B 262 -4.67 -14.24 -17.16
N CYS B 263 -4.23 -13.08 -16.66
CA CYS B 263 -3.80 -11.92 -17.49
C CYS B 263 -2.32 -11.63 -17.38
N VAL B 264 -1.73 -11.28 -18.52
CA VAL B 264 -0.27 -11.12 -18.63
C VAL B 264 0.32 -10.13 -17.65
N ASP B 265 -0.44 -9.17 -17.19
CA ASP B 265 0.14 -8.05 -16.44
C ASP B 265 0.55 -8.31 -15.01
N ASN B 266 0.17 -9.44 -14.43
CA ASN B 266 0.53 -9.76 -13.05
C ASN B 266 1.88 -10.44 -12.96
N ILE B 267 2.88 -9.73 -12.45
CA ILE B 267 4.23 -10.31 -12.46
C ILE B 267 4.40 -11.48 -11.47
N LEU B 268 3.57 -11.52 -10.44
CA LEU B 268 3.64 -12.53 -9.42
C LEU B 268 2.76 -13.72 -9.74
N VAL B 269 2.37 -13.89 -11.00
CA VAL B 269 1.26 -14.76 -11.25
C VAL B 269 1.67 -16.20 -11.20
N LYS B 270 0.99 -16.96 -10.35
CA LYS B 270 1.23 -18.39 -10.21
C LYS B 270 0.49 -19.14 -11.33
N VAL B 271 1.10 -19.12 -12.52
CA VAL B 271 0.55 -19.76 -13.71
C VAL B 271 0.29 -21.22 -13.45
N ALA B 272 -0.94 -21.62 -13.67
CA ALA B 272 -1.36 -22.99 -13.44
C ALA B 272 -1.14 -23.42 -12.01
N ASP B 273 -1.30 -22.46 -11.08
CA ASP B 273 -1.05 -22.70 -9.62
C ASP B 273 -1.69 -24.01 -9.23
N PRO B 274 -0.88 -25.01 -8.88
CA PRO B 274 -1.51 -26.26 -8.50
C PRO B 274 -2.34 -26.21 -7.19
N ARG B 275 -2.15 -25.23 -6.31
CA ARG B 275 -3.01 -25.15 -5.13
C ARG B 275 -4.42 -24.79 -5.55
N PHE B 276 -4.53 -23.70 -6.31
CA PHE B 276 -5.80 -23.29 -6.92
C PHE B 276 -6.43 -24.43 -7.74
N ILE B 277 -5.65 -25.05 -8.61
CA ILE B 277 -6.24 -26.06 -9.47
C ILE B 277 -6.71 -27.18 -8.60
N GLY B 278 -5.89 -27.57 -7.64
CA GLY B 278 -6.23 -28.68 -6.78
C GLY B 278 -7.51 -28.47 -5.99
N PHE B 279 -7.58 -27.32 -5.36
CA PHE B 279 -8.76 -26.85 -4.68
C PHE B 279 -9.93 -27.05 -5.58
N CYS B 280 -9.92 -26.42 -6.74
CA CYS B 280 -11.07 -26.44 -7.58
C CYS B 280 -11.43 -27.86 -8.04
N ILE B 281 -10.42 -28.69 -8.20
CA ILE B 281 -10.66 -30.04 -8.65
C ILE B 281 -11.32 -30.80 -7.50
N GLN B 282 -10.74 -30.75 -6.31
CA GLN B 282 -11.28 -31.49 -5.19
C GLN B 282 -12.67 -31.09 -4.82
N LYS B 283 -13.01 -29.81 -4.93
CA LYS B 283 -14.35 -29.37 -4.55
C LYS B 283 -15.35 -29.49 -5.73
N GLY B 284 -14.88 -30.06 -6.85
CA GLY B 284 -15.72 -30.31 -8.04
C GLY B 284 -16.29 -29.07 -8.62
N ALA B 285 -15.57 -27.97 -8.48
CA ALA B 285 -16.03 -26.69 -9.01
C ALA B 285 -16.03 -26.71 -10.52
N ASP B 286 -17.04 -26.14 -11.13
CA ASP B 286 -17.00 -25.91 -12.57
C ASP B 286 -16.32 -24.56 -12.88
N CYS B 287 -16.16 -23.74 -11.84
CA CYS B 287 -15.67 -22.40 -12.01
C CYS B 287 -15.20 -21.79 -10.69
N GLY B 288 -13.96 -21.30 -10.71
CA GLY B 288 -13.36 -20.66 -9.55
C GLY B 288 -12.66 -19.39 -9.96
N ALA B 289 -12.63 -18.47 -9.02
CA ALA B 289 -11.97 -17.22 -9.15
C ALA B 289 -11.10 -17.08 -7.91
N LYS B 290 -9.84 -16.69 -8.12
CA LYS B 290 -8.88 -16.38 -7.08
C LYS B 290 -9.08 -14.90 -6.69
N VAL B 291 -8.90 -14.58 -5.40
CA VAL B 291 -9.04 -13.22 -4.93
C VAL B 291 -8.03 -12.80 -3.86
N VAL B 292 -7.80 -11.50 -3.74
CA VAL B 292 -7.03 -10.98 -2.65
C VAL B 292 -7.90 -10.12 -1.81
N GLU B 293 -7.57 -10.07 -0.52
CA GLU B 293 -8.36 -9.32 0.40
C GLU B 293 -8.26 -7.82 0.18
N LYS B 294 -9.37 -7.20 -0.17
CA LYS B 294 -9.45 -5.75 -0.22
C LYS B 294 -9.66 -5.22 1.21
N THR B 295 -8.77 -4.33 1.64
CA THR B 295 -8.81 -3.76 3.00
C THR B 295 -8.99 -2.24 3.05
N ASN B 296 -8.62 -1.54 1.98
CA ASN B 296 -8.93 -0.11 1.82
C ASN B 296 -10.16 0.11 0.94
N PRO B 297 -11.24 0.70 1.50
CA PRO B 297 -12.49 0.90 0.78
C PRO B 297 -12.32 1.47 -0.62
N THR B 298 -11.38 2.41 -0.78
CA THR B 298 -11.23 3.11 -2.06
C THR B 298 -10.24 2.45 -3.00
N GLU B 299 -9.90 1.19 -2.73
CA GLU B 299 -8.98 0.50 -3.61
C GLU B 299 -9.65 0.27 -4.96
N PRO B 300 -8.99 0.69 -6.04
CA PRO B 300 -9.48 0.45 -7.40
C PRO B 300 -9.40 -0.99 -7.79
N VAL B 301 -10.33 -1.79 -7.26
CA VAL B 301 -10.38 -3.21 -7.60
C VAL B 301 -11.79 -3.79 -7.49
N GLY B 302 -12.16 -4.59 -8.49
CA GLY B 302 -13.46 -5.22 -8.53
C GLY B 302 -13.61 -6.17 -7.39
N VAL B 303 -14.82 -6.25 -6.85
CA VAL B 303 -15.11 -7.21 -5.81
C VAL B 303 -15.94 -8.35 -6.36
N VAL B 304 -15.59 -9.57 -5.99
CA VAL B 304 -16.40 -10.73 -6.31
C VAL B 304 -17.52 -10.71 -5.26
N CYS B 305 -18.72 -11.02 -5.70
CA CYS B 305 -19.90 -10.96 -4.85
C CYS B 305 -21.11 -11.51 -5.60
N ARG B 306 -22.27 -11.52 -4.94
CA ARG B 306 -23.54 -11.93 -5.52
C ARG B 306 -24.46 -10.73 -5.74
N VAL B 307 -24.90 -10.57 -6.99
CA VAL B 307 -25.85 -9.52 -7.35
C VAL B 307 -27.22 -10.10 -7.71
N ASP B 308 -28.27 -9.65 -7.02
CA ASP B 308 -29.59 -10.30 -7.10
C ASP B 308 -29.46 -11.83 -6.94
N GLY B 309 -28.48 -12.26 -6.15
CA GLY B 309 -28.23 -13.68 -5.87
C GLY B 309 -27.29 -14.41 -6.82
N VAL B 310 -26.87 -13.75 -7.90
CA VAL B 310 -25.94 -14.36 -8.85
C VAL B 310 -24.48 -13.89 -8.70
N TYR B 311 -23.54 -14.82 -8.81
CA TYR B 311 -22.13 -14.50 -8.65
C TYR B 311 -21.67 -13.73 -9.81
N GLN B 312 -20.97 -12.64 -9.52
CA GLN B 312 -20.26 -11.90 -10.54
C GLN B 312 -19.29 -10.96 -9.85
N VAL B 313 -18.64 -10.09 -10.63
CA VAL B 313 -17.80 -9.04 -10.09
C VAL B 313 -18.46 -7.71 -10.34
N VAL B 314 -18.53 -6.89 -9.30
CA VAL B 314 -18.99 -5.53 -9.42
C VAL B 314 -17.77 -4.67 -9.60
N GLU B 315 -17.66 -3.94 -10.71
CA GLU B 315 -16.44 -3.12 -10.92
C GLU B 315 -16.35 -1.99 -9.88
N TYR B 316 -15.12 -1.56 -9.57
CA TYR B 316 -14.87 -0.66 -8.43
C TYR B 316 -15.43 0.74 -8.58
N SER B 317 -15.64 1.11 -9.84
CA SER B 317 -16.22 2.39 -10.20
C SER B 317 -17.74 2.33 -10.32
N GLU B 318 -18.36 1.25 -9.85
CA GLU B 318 -19.82 1.09 -9.83
C GLU B 318 -20.41 1.17 -8.43
N ILE B 319 -19.58 1.27 -7.40
CA ILE B 319 -20.11 1.15 -6.03
C ILE B 319 -20.17 2.48 -5.28
N SER B 320 -21.15 2.60 -4.40
CA SER B 320 -21.23 3.75 -3.53
C SER B 320 -20.09 3.65 -2.55
N LEU B 321 -19.56 4.79 -2.15
CA LEU B 321 -18.62 4.84 -1.06
C LEU B 321 -19.16 4.12 0.18
N ALA B 322 -20.46 4.19 0.41
CA ALA B 322 -21.08 3.50 1.54
C ALA B 322 -20.88 2.00 1.39
N THR B 323 -21.29 1.46 0.25
CA THR B 323 -21.10 0.03 -0.03
C THR B 323 -19.63 -0.29 0.29
N ALA B 324 -18.70 0.42 -0.34
CA ALA B 324 -17.28 0.13 -0.16
C ALA B 324 -16.85 0.15 1.31
N GLN B 325 -17.40 1.07 2.07
CA GLN B 325 -16.99 1.25 3.44
C GLN B 325 -17.70 0.29 4.40
N ARG B 326 -18.69 -0.46 3.94
CA ARG B 326 -19.46 -1.35 4.83
C ARG B 326 -18.59 -2.44 5.39
N ARG B 327 -18.74 -2.70 6.68
CA ARG B 327 -17.89 -3.61 7.39
C ARG B 327 -18.67 -4.74 8.00
N SER B 328 -18.21 -5.97 7.81
CA SER B 328 -18.83 -7.12 8.48
C SER B 328 -18.48 -7.15 9.98
N SER B 329 -19.14 -8.06 10.72
CA SER B 329 -19.03 -8.18 12.19
C SER B 329 -17.59 -8.16 12.70
N ASP B 330 -16.73 -8.88 11.98
CA ASP B 330 -15.34 -9.10 12.37
C ASP B 330 -14.37 -7.91 12.20
N GLY B 331 -14.87 -6.74 11.80
CA GLY B 331 -14.00 -5.60 11.50
C GLY B 331 -13.56 -5.46 10.05
N ARG B 332 -13.75 -6.49 9.22
CA ARG B 332 -13.32 -6.41 7.83
C ARG B 332 -14.34 -5.71 6.96
N LEU B 333 -13.96 -5.43 5.71
CA LEU B 333 -14.88 -4.87 4.74
C LEU B 333 -15.81 -5.99 4.29
N LEU B 334 -17.08 -5.67 4.13
CA LEU B 334 -18.07 -6.63 3.71
C LEU B 334 -17.80 -7.14 2.28
N PHE B 335 -17.41 -6.22 1.41
CA PHE B 335 -17.08 -6.58 0.05
C PHE B 335 -15.59 -6.53 -0.10
N ASN B 336 -14.94 -7.57 0.40
CA ASN B 336 -13.49 -7.61 0.49
C ASN B 336 -12.85 -8.63 -0.42
N ALA B 337 -13.64 -9.37 -1.17
CA ALA B 337 -13.06 -10.36 -2.08
C ALA B 337 -12.58 -9.66 -3.32
N GLY B 338 -11.36 -9.11 -3.27
CA GLY B 338 -10.83 -8.33 -4.42
C GLY B 338 -10.46 -9.19 -5.63
N ASN B 339 -11.10 -8.96 -6.77
CA ASN B 339 -10.88 -9.85 -7.99
C ASN B 339 -9.52 -9.60 -8.62
N ILE B 340 -8.69 -10.63 -8.79
CA ILE B 340 -7.38 -10.49 -9.53
C ILE B 340 -7.34 -11.16 -10.91
N ALA B 341 -8.49 -11.46 -11.50
CA ALA B 341 -8.55 -11.85 -12.92
C ALA B 341 -7.80 -13.17 -13.14
N ASN B 342 -7.96 -14.07 -12.18
CA ASN B 342 -7.28 -15.35 -12.14
C ASN B 342 -8.38 -16.38 -11.94
N HIS B 343 -8.66 -17.22 -12.93
CA HIS B 343 -9.83 -18.11 -12.86
C HIS B 343 -9.55 -19.55 -13.19
N PHE B 344 -10.40 -20.43 -12.70
CA PHE B 344 -10.40 -21.88 -13.06
C PHE B 344 -11.67 -22.23 -13.86
N PHE B 345 -11.50 -22.91 -14.96
CA PHE B 345 -12.64 -23.42 -15.72
C PHE B 345 -12.39 -24.83 -16.06
N THR B 346 -13.38 -25.62 -15.77
CA THR B 346 -13.55 -26.90 -16.38
C THR B 346 -13.67 -26.73 -17.90
N VAL B 347 -13.08 -27.62 -18.69
CA VAL B 347 -13.34 -27.56 -20.15
C VAL B 347 -14.82 -27.66 -20.50
N PRO B 348 -15.55 -28.72 -20.10
CA PRO B 348 -17.02 -28.80 -20.29
C PRO B 348 -17.85 -27.54 -20.01
N PHE B 349 -17.52 -26.84 -18.93
CA PHE B 349 -18.19 -25.60 -18.55
C PHE B 349 -17.74 -24.50 -19.46
N LEU B 350 -16.44 -24.42 -19.72
CA LEU B 350 -15.97 -23.49 -20.73
C LEU B 350 -16.63 -23.76 -22.12
N LYS B 351 -16.79 -25.01 -22.50
CA LYS B 351 -17.41 -25.36 -23.78
C LYS B 351 -18.90 -24.93 -23.88
N ASP B 352 -19.61 -24.98 -22.76
CA ASP B 352 -21.02 -24.57 -22.76
C ASP B 352 -21.12 -23.06 -22.77
N VAL B 353 -20.14 -22.40 -22.17
CA VAL B 353 -20.12 -20.94 -22.20
C VAL B 353 -19.81 -20.45 -23.60
N VAL B 354 -18.90 -21.11 -24.26
CA VAL B 354 -18.52 -20.69 -25.58
C VAL B 354 -19.64 -20.97 -26.60
N ASN B 355 -20.20 -22.16 -26.58
CA ASN B 355 -21.18 -22.55 -27.63
C ASN B 355 -22.62 -22.22 -27.27
N VAL B 356 -22.89 -21.86 -26.01
CA VAL B 356 -24.25 -21.60 -25.60
C VAL B 356 -24.42 -20.32 -24.79
N TYR B 357 -23.83 -20.23 -23.61
CA TYR B 357 -24.14 -19.12 -22.70
C TYR B 357 -23.61 -17.76 -23.09
N GLU B 358 -22.58 -17.68 -23.94
CA GLU B 358 -21.97 -16.39 -24.28
C GLU B 358 -22.91 -15.57 -25.13
N PRO B 359 -23.39 -16.15 -26.25
CA PRO B 359 -24.37 -15.45 -27.07
C PRO B 359 -25.54 -14.98 -26.24
N GLN B 360 -25.92 -15.79 -25.27
CA GLN B 360 -26.95 -15.43 -24.27
C GLN B 360 -26.62 -14.15 -23.46
N LEU B 361 -25.63 -13.37 -23.89
CA LEU B 361 -25.33 -12.12 -23.21
C LEU B 361 -25.47 -10.97 -24.15
N GLN B 362 -25.54 -9.78 -23.56
CA GLN B 362 -25.35 -8.54 -24.28
C GLN B 362 -24.06 -7.94 -23.76
N HIS B 363 -23.74 -6.76 -24.28
CA HIS B 363 -22.48 -6.10 -23.97
C HIS B 363 -22.70 -5.02 -22.94
N HIS B 364 -21.65 -4.72 -22.20
CA HIS B 364 -21.64 -3.56 -21.32
C HIS B 364 -21.40 -2.35 -22.19
N VAL B 365 -21.95 -1.22 -21.75
CA VAL B 365 -21.96 0.02 -22.52
C VAL B 365 -21.40 1.16 -21.68
N ALA B 366 -20.33 1.76 -22.18
CA ALA B 366 -19.75 2.95 -21.58
C ALA B 366 -19.82 4.08 -22.60
N GLN B 367 -20.10 5.28 -22.09
CA GLN B 367 -20.06 6.46 -22.93
C GLN B 367 -18.61 6.89 -23.11
N LYS B 368 -18.18 7.07 -24.36
CA LYS B 368 -16.79 7.42 -24.67
C LYS B 368 -16.75 8.67 -25.57
N LYS B 369 -15.66 9.43 -25.45
CA LYS B 369 -15.37 10.54 -26.35
C LYS B 369 -14.65 9.90 -27.51
N ILE B 370 -15.34 9.68 -28.60
CA ILE B 370 -14.72 9.05 -29.77
C ILE B 370 -14.24 10.11 -30.77
N PRO B 371 -12.93 10.06 -31.11
CA PRO B 371 -12.44 10.93 -32.16
C PRO B 371 -12.94 10.44 -33.52
N TYR B 372 -13.42 11.36 -34.36
CA TYR B 372 -13.94 11.00 -35.67
C TYR B 372 -13.62 12.05 -36.73
N VAL B 373 -13.64 11.62 -37.99
CA VAL B 373 -13.52 12.54 -39.13
C VAL B 373 -14.93 13.06 -39.50
N ASP B 374 -15.05 14.36 -39.76
CA ASP B 374 -16.37 14.96 -40.08
C ASP B 374 -16.65 15.02 -41.57
N SER B 375 -17.79 15.62 -41.93
CA SER B 375 -18.22 15.74 -43.32
C SER B 375 -17.11 16.31 -44.19
N GLN B 376 -16.49 17.37 -43.71
CA GLN B 376 -15.47 18.12 -44.47
C GLN B 376 -14.07 17.54 -44.30
N GLY B 377 -13.93 16.50 -43.47
CA GLY B 377 -12.70 15.73 -43.42
C GLY B 377 -11.70 16.08 -42.33
N TYR B 378 -12.03 17.06 -41.48
CA TYR B 378 -11.19 17.38 -40.32
C TYR B 378 -11.33 16.28 -39.26
N PHE B 379 -10.22 15.92 -38.61
CA PHE B 379 -10.27 14.98 -37.48
C PHE B 379 -10.67 15.76 -36.23
N ILE B 380 -11.91 15.58 -35.79
CA ILE B 380 -12.44 16.24 -34.60
C ILE B 380 -12.11 15.46 -33.34
N LYS B 381 -11.97 16.14 -32.22
CA LYS B 381 -11.83 15.47 -30.94
C LYS B 381 -12.91 16.02 -30.00
N PRO B 382 -13.94 15.20 -29.68
CA PRO B 382 -15.09 15.75 -28.95
C PRO B 382 -14.75 16.04 -27.52
N ASP B 383 -15.53 16.92 -26.91
CA ASP B 383 -15.32 17.33 -25.51
C ASP B 383 -16.50 16.97 -24.60
N LYS B 384 -17.59 16.51 -25.19
CA LYS B 384 -18.57 15.69 -24.49
C LYS B 384 -18.53 14.32 -25.18
N PRO B 385 -18.90 13.26 -24.47
CA PRO B 385 -18.94 11.96 -25.14
C PRO B 385 -20.04 11.88 -26.22
N ASN B 386 -19.67 11.30 -27.35
CA ASN B 386 -20.50 11.31 -28.54
C ASN B 386 -20.88 9.91 -29.01
N GLY B 387 -20.60 8.91 -28.19
CA GLY B 387 -20.82 7.52 -28.62
C GLY B 387 -20.41 6.52 -27.56
N ILE B 388 -20.51 5.24 -27.91
CA ILE B 388 -20.30 4.17 -26.93
C ILE B 388 -19.31 3.10 -27.37
N LYS B 389 -18.66 2.48 -26.38
CA LYS B 389 -17.87 1.27 -26.58
C LYS B 389 -18.69 0.14 -25.96
N GLU B 391 -18.31 -3.79 -24.57
CA GLU B 391 -17.34 -4.72 -24.06
C GLU B 391 -18.08 -5.86 -23.40
N LYS B 392 -17.52 -7.07 -23.51
CA LYS B 392 -17.90 -8.18 -22.64
C LYS B 392 -16.81 -8.40 -21.62
N PHE B 393 -17.19 -8.82 -20.42
CA PHE B 393 -16.21 -9.08 -19.37
C PHE B 393 -16.10 -10.58 -19.15
N VAL B 394 -14.89 -11.05 -18.85
CA VAL B 394 -14.60 -12.49 -18.64
C VAL B 394 -15.38 -13.07 -17.46
N PHE B 395 -15.58 -12.25 -16.44
CA PHE B 395 -16.21 -12.70 -15.20
C PHE B 395 -17.70 -12.68 -15.25
N ASP B 396 -18.25 -12.35 -16.43
CA ASP B 396 -19.73 -12.31 -16.61
C ASP B 396 -20.35 -13.70 -16.60
N ILE B 397 -19.55 -14.76 -16.75
CA ILE B 397 -20.13 -16.11 -16.92
C ILE B 397 -20.33 -16.91 -15.62
N PHE B 398 -19.84 -16.35 -14.53
CA PHE B 398 -19.97 -16.91 -13.20
C PHE B 398 -21.41 -17.28 -12.94
N GLN B 399 -22.30 -16.43 -13.39
CA GLN B 399 -23.72 -16.70 -13.26
C GLN B 399 -24.16 -18.07 -13.82
N PHE B 400 -23.38 -18.66 -14.73
CA PHE B 400 -23.73 -19.96 -15.26
C PHE B 400 -23.08 -21.15 -14.53
N ALA B 401 -22.07 -20.90 -13.70
CA ALA B 401 -21.43 -21.96 -12.93
C ALA B 401 -22.48 -22.61 -12.06
N LYS B 402 -22.60 -23.93 -12.09
CA LYS B 402 -23.49 -24.63 -11.15
C LYS B 402 -22.81 -24.78 -9.80
N LYS B 403 -21.48 -24.81 -9.80
CA LYS B 403 -20.72 -24.91 -8.57
C LYS B 403 -19.50 -24.00 -8.66
N PHE B 404 -19.67 -22.80 -8.13
CA PHE B 404 -18.69 -21.76 -8.24
C PHE B 404 -17.94 -21.64 -6.92
N VAL B 405 -16.62 -21.50 -6.97
CA VAL B 405 -15.80 -21.34 -5.74
C VAL B 405 -14.89 -20.10 -5.78
N VAL B 406 -14.42 -19.72 -4.59
CA VAL B 406 -13.55 -18.57 -4.46
C VAL B 406 -12.38 -18.97 -3.62
N TYR B 407 -11.19 -18.53 -4.01
CA TYR B 407 -9.97 -19.00 -3.36
C TYR B 407 -9.13 -17.77 -2.96
N GLU B 408 -8.99 -17.56 -1.67
CA GLU B 408 -8.36 -16.33 -1.18
C GLU B 408 -6.86 -16.49 -0.95
N VAL B 409 -6.06 -15.67 -1.61
CA VAL B 409 -4.60 -15.73 -1.48
C VAL B 409 -4.00 -14.43 -0.94
N LEU B 410 -2.72 -14.48 -0.64
CA LEU B 410 -2.01 -13.32 -0.16
C LEU B 410 -1.49 -12.45 -1.30
N ARG B 411 -1.77 -11.17 -1.20
CA ARG B 411 -1.46 -10.21 -2.25
C ARG B 411 0.01 -10.25 -2.65
N GLU B 412 0.84 -10.11 -1.62
CA GLU B 412 2.28 -10.07 -1.74
C GLU B 412 2.89 -11.33 -2.29
N ASP B 413 2.15 -12.42 -2.39
CA ASP B 413 2.69 -13.67 -2.89
C ASP B 413 2.22 -13.90 -4.32
N GLU B 414 1.15 -13.21 -4.71
CA GLU B 414 0.36 -13.63 -5.88
C GLU B 414 -0.14 -12.54 -6.82
N PHE B 415 -0.07 -11.27 -6.41
CA PHE B 415 -0.69 -10.18 -7.16
C PHE B 415 0.05 -8.84 -7.00
N SER B 416 0.58 -8.39 -8.11
CA SER B 416 1.16 -7.08 -8.23
C SER B 416 1.22 -6.86 -9.69
N PRO B 417 0.24 -6.11 -10.24
CA PRO B 417 -0.01 -5.91 -11.67
C PRO B 417 0.78 -4.77 -12.28
N LEU B 418 1.06 -4.89 -13.59
CA LEU B 418 1.70 -3.82 -14.33
C LEU B 418 0.70 -3.09 -15.22
N LYS B 419 0.23 -1.92 -14.76
CA LYS B 419 -0.84 -1.18 -15.48
C LYS B 419 -0.39 0.18 -16.03
N ASN B 420 0.40 0.90 -15.22
CA ASN B 420 0.87 2.27 -15.48
C ASN B 420 2.38 2.37 -15.72
N ALA B 421 2.79 3.50 -16.26
CA ALA B 421 4.18 3.90 -16.29
C ALA B 421 4.56 4.50 -14.94
N ASP B 422 5.85 4.62 -14.65
CA ASP B 422 6.31 5.17 -13.34
C ASP B 422 5.78 6.60 -12.93
N SER B 423 4.98 7.22 -13.79
CA SER B 423 4.39 8.56 -13.55
C SER B 423 2.94 8.50 -13.03
N GLY B 426 1.81 5.96 -9.94
CA GLY B 426 2.43 5.83 -8.61
C GLY B 426 2.33 4.41 -8.08
N LYS B 427 1.19 3.76 -8.36
CA LYS B 427 1.01 2.34 -8.12
C LYS B 427 0.84 1.54 -9.45
N ASP B 428 0.90 0.21 -9.37
CA ASP B 428 0.72 -0.68 -10.50
C ASP B 428 1.58 -0.28 -11.73
N ASN B 429 2.88 -0.10 -11.46
CA ASN B 429 3.89 0.31 -12.41
C ASN B 429 5.14 -0.58 -12.30
N PRO B 430 6.13 -0.41 -13.21
CA PRO B 430 7.32 -1.29 -13.21
C PRO B 430 8.10 -1.36 -11.91
N THR B 431 8.15 -0.25 -11.19
CA THR B 431 8.87 -0.15 -9.95
C THR B 431 8.13 -1.00 -8.94
N THR B 432 6.82 -0.83 -8.85
CA THR B 432 6.08 -1.61 -7.88
C THR B 432 6.15 -3.10 -8.18
N ALA B 433 6.03 -3.47 -9.46
CA ALA B 433 6.00 -4.88 -9.88
C ALA B 433 7.32 -5.53 -9.51
N ARG B 434 8.39 -4.91 -9.98
CA ARG B 434 9.72 -5.27 -9.63
C ARG B 434 9.92 -5.36 -8.11
N HIS B 435 9.47 -4.36 -7.35
CA HIS B 435 9.71 -4.41 -5.87
C HIS B 435 9.03 -5.59 -5.25
N ALA B 436 7.83 -5.91 -5.77
CA ALA B 436 7.03 -7.01 -5.24
C ALA B 436 7.66 -8.36 -5.53
N LEU B 437 8.18 -8.57 -6.73
CA LEU B 437 8.81 -9.84 -7.04
C LEU B 437 10.09 -9.98 -6.25
N SER B 439 10.81 -8.58 -3.24
CA SER B 439 10.47 -8.78 -1.84
C SER B 439 10.00 -10.20 -1.57
N LEU B 440 9.30 -10.78 -2.52
CA LEU B 440 8.82 -12.13 -2.34
C LEU B 440 10.03 -13.07 -2.23
N HIS B 441 10.93 -12.90 -3.21
CA HIS B 441 12.06 -13.81 -3.35
C HIS B 441 13.02 -13.62 -2.20
N HIS B 442 13.15 -12.38 -1.73
CA HIS B 442 13.85 -12.08 -0.49
C HIS B 442 13.31 -12.98 0.59
N CYS B 443 11.99 -12.92 0.80
CA CYS B 443 11.38 -13.67 1.87
C CYS B 443 11.57 -15.15 1.71
N TRP B 444 11.53 -15.64 0.47
CA TRP B 444 11.76 -17.05 0.26
C TRP B 444 13.08 -17.50 0.86
N VAL B 445 14.12 -16.70 0.63
CA VAL B 445 15.47 -17.07 1.05
C VAL B 445 15.47 -17.11 2.57
N LEU B 446 14.81 -16.16 3.20
CA LEU B 446 14.76 -16.20 4.62
C LEU B 446 13.97 -17.43 5.03
N ASN B 447 12.82 -17.66 4.42
CA ASN B 447 12.04 -18.84 4.78
C ASN B 447 12.77 -20.16 4.54
N ALA B 448 13.77 -20.18 3.66
CA ALA B 448 14.51 -21.41 3.40
C ALA B 448 15.78 -21.52 4.22
N GLY B 449 15.98 -20.65 5.22
CA GLY B 449 17.17 -20.70 6.09
C GLY B 449 18.27 -19.70 5.79
N GLY B 450 18.20 -19.04 4.62
CA GLY B 450 19.14 -17.97 4.24
C GLY B 450 19.14 -16.69 5.10
N HIS B 451 20.18 -15.87 4.91
CA HIS B 451 20.31 -14.57 5.57
C HIS B 451 20.96 -13.60 4.61
N PHE B 452 20.67 -12.31 4.73
CA PHE B 452 21.33 -11.32 3.91
C PHE B 452 22.26 -10.54 4.77
N ILE B 453 23.29 -10.03 4.14
CA ILE B 453 24.38 -9.47 4.89
C ILE B 453 24.87 -8.18 4.21
N ASP B 454 25.35 -7.22 5.01
CA ASP B 454 25.87 -5.97 4.44
C ASP B 454 27.37 -6.10 4.12
N GLU B 455 27.98 -5.01 3.64
CA GLU B 455 29.40 -4.98 3.24
C GLU B 455 30.37 -5.39 4.36
N ASN B 456 30.05 -5.03 5.61
CA ASN B 456 30.90 -5.47 6.70
C ASN B 456 30.57 -6.85 7.21
N GLY B 457 29.59 -7.49 6.57
CA GLY B 457 29.24 -8.85 6.88
C GLY B 457 28.39 -9.08 8.12
N SER B 458 27.78 -8.03 8.68
CA SER B 458 26.80 -8.28 9.74
C SER B 458 25.43 -8.30 9.11
N ARG B 459 24.57 -9.18 9.61
CA ARG B 459 23.37 -9.52 8.88
C ARG B 459 22.26 -8.50 9.00
N LEU B 460 21.53 -8.35 7.90
CA LEU B 460 20.47 -7.38 7.81
C LEU B 460 19.24 -7.97 8.45
N PRO B 461 18.42 -7.13 9.06
CA PRO B 461 17.18 -7.65 9.58
C PRO B 461 16.25 -7.99 8.43
N ALA B 462 15.23 -8.79 8.72
CA ALA B 462 14.28 -9.23 7.70
C ALA B 462 13.49 -8.06 7.15
N ILE B 463 13.28 -7.05 7.98
CA ILE B 463 12.61 -5.84 7.56
C ILE B 463 13.59 -4.70 7.79
N PRO B 464 14.45 -4.41 6.79
CA PRO B 464 15.52 -3.43 7.06
C PRO B 464 15.02 -2.00 7.09
N ARG B 465 14.12 -1.65 6.15
CA ARG B 465 13.72 -0.24 5.98
C ARG B 465 12.54 0.00 5.06
N VAL B 489 18.69 -0.02 -0.93
CA VAL B 489 17.37 0.54 -0.67
C VAL B 489 16.50 -0.60 -0.21
N PRO B 490 15.82 -1.27 -1.16
CA PRO B 490 15.18 -2.59 -1.01
C PRO B 490 16.15 -3.73 -1.34
N ILE B 491 16.25 -4.73 -0.47
CA ILE B 491 17.15 -5.87 -0.71
C ILE B 491 16.80 -6.58 -2.03
N GLN B 492 17.73 -6.54 -2.98
CA GLN B 492 17.51 -7.14 -4.29
C GLN B 492 17.73 -8.67 -4.33
N CYS B 493 16.71 -9.38 -4.81
CA CYS B 493 16.72 -10.82 -4.88
C CYS B 493 15.88 -11.32 -6.06
N GLU B 494 16.37 -12.31 -6.76
CA GLU B 494 15.64 -12.85 -7.87
C GLU B 494 15.96 -14.32 -8.03
N ILE B 495 14.93 -15.13 -8.07
CA ILE B 495 15.12 -16.52 -8.16
C ILE B 495 14.49 -16.92 -9.49
N SER B 496 15.25 -17.60 -10.36
CA SER B 496 14.65 -18.07 -11.59
C SER B 496 13.57 -19.00 -11.16
N PRO B 497 12.41 -18.93 -11.82
CA PRO B 497 11.35 -19.87 -11.55
C PRO B 497 11.76 -21.31 -11.77
N LEU B 498 12.58 -21.56 -12.82
CA LEU B 498 13.18 -22.86 -13.04
C LEU B 498 13.83 -23.49 -11.78
N ILE B 499 14.16 -22.65 -10.78
CA ILE B 499 14.72 -23.11 -9.51
C ILE B 499 13.68 -23.27 -8.43
N SER B 500 12.73 -22.33 -8.35
CA SER B 500 11.65 -22.37 -7.37
C SER B 500 10.39 -21.70 -7.91
N TYR B 501 9.28 -22.44 -7.90
CA TYR B 501 7.98 -21.92 -8.40
C TYR B 501 7.46 -21.03 -7.31
N ALA B 502 7.39 -21.52 -6.09
CA ALA B 502 6.78 -20.69 -5.03
C ALA B 502 7.48 -20.78 -3.71
N GLY B 503 8.81 -20.90 -3.72
CA GLY B 503 9.64 -20.81 -2.49
C GLY B 503 10.15 -22.15 -2.04
N GLU B 504 9.76 -23.19 -2.77
CA GLU B 504 10.25 -24.52 -2.53
C GLU B 504 11.60 -24.70 -3.21
N GLY B 505 12.38 -25.67 -2.76
CA GLY B 505 13.57 -26.10 -3.49
C GLY B 505 14.81 -25.30 -3.25
N LEU B 506 14.82 -24.54 -2.17
CA LEU B 506 15.89 -23.59 -1.93
C LEU B 506 16.79 -23.92 -0.76
N GLU B 507 16.40 -24.84 0.12
CA GLU B 507 17.21 -25.04 1.33
C GLU B 507 18.63 -25.47 0.96
N GLY B 508 18.76 -26.20 -0.14
CA GLY B 508 20.06 -26.62 -0.59
C GLY B 508 20.91 -25.44 -0.96
N TYR B 509 20.32 -24.42 -1.56
CA TYR B 509 21.08 -23.25 -1.93
C TYR B 509 21.43 -22.32 -0.75
N VAL B 510 20.54 -22.16 0.25
CA VAL B 510 20.68 -20.99 1.11
C VAL B 510 20.67 -21.22 2.61
N ALA B 511 20.41 -22.45 3.00
CA ALA B 511 20.18 -22.80 4.35
C ALA B 511 21.45 -22.52 5.10
N ASP B 512 21.34 -21.62 6.07
CA ASP B 512 22.42 -21.16 6.92
C ASP B 512 23.64 -20.59 6.24
N LYS B 513 23.47 -20.07 5.03
CA LYS B 513 24.51 -19.31 4.35
C LYS B 513 24.07 -17.84 4.34
N GLU B 514 25.04 -16.93 4.39
CA GLU B 514 24.75 -15.50 4.36
C GLU B 514 25.07 -14.96 2.98
N PHE B 515 24.33 -13.96 2.52
CA PHE B 515 24.48 -13.45 1.17
C PHE B 515 24.55 -11.94 1.12
N HIS B 516 25.36 -11.42 0.19
CA HIS B 516 25.36 -10.01 -0.07
C HIS B 516 24.60 -9.75 -1.34
N ALA B 517 23.47 -9.05 -1.20
CA ALA B 517 22.63 -8.69 -2.31
C ALA B 517 23.33 -7.64 -3.16
N PRO B 518 22.96 -7.54 -4.44
CA PRO B 518 22.03 -8.37 -5.18
C PRO B 518 22.42 -9.84 -5.19
N LEU B 519 21.45 -10.67 -4.83
CA LEU B 519 21.55 -12.12 -4.89
C LEU B 519 20.65 -12.64 -6.01
N ILE B 520 21.19 -13.48 -6.88
CA ILE B 520 20.42 -14.13 -7.91
C ILE B 520 20.65 -15.63 -7.79
N ILE B 521 19.59 -16.40 -7.98
CA ILE B 521 19.70 -17.84 -8.03
C ILE B 521 19.10 -18.34 -9.33
N ASP B 522 19.88 -19.08 -10.09
CA ASP B 522 19.42 -19.55 -11.37
C ASP B 522 20.06 -20.88 -11.68
N GLU B 523 19.97 -21.31 -12.95
CA GLU B 523 20.47 -22.60 -13.39
C GLU B 523 21.94 -22.78 -13.07
N ASN B 524 22.70 -21.71 -12.90
CA ASN B 524 24.11 -21.83 -12.50
C ASN B 524 24.34 -21.55 -11.03
N GLY B 525 23.28 -21.56 -10.23
CA GLY B 525 23.46 -21.48 -8.79
C GLY B 525 23.29 -20.10 -8.25
N VAL B 526 23.81 -19.84 -7.06
CA VAL B 526 23.70 -18.52 -6.48
C VAL B 526 24.80 -17.60 -7.00
N HIS B 527 24.52 -16.30 -6.93
CA HIS B 527 25.41 -15.26 -7.39
C HIS B 527 25.27 -14.03 -6.49
N GLU B 528 26.40 -13.45 -6.09
CA GLU B 528 26.46 -12.15 -5.47
C GLU B 528 27.32 -11.25 -6.33
#